data_9J56
#
_entry.id   9J56
#
_cell.length_a   79.997
_cell.length_b   79.997
_cell.length_c   234.203
_cell.angle_alpha   90.00
_cell.angle_beta   90.00
_cell.angle_gamma   120.00
#
_symmetry.space_group_name_H-M   'P 32 2 1'
#
loop_
_entity.id
_entity.type
_entity.pdbx_description
1 polymer 'Aclacinomycin 10-hydroxylase RdmB'
2 non-polymer S-ADENOSYL-L-HOMOCYSTEINE
3 non-polymer (7~{S},9~{S})-7-[(2~{R},4~{S},5~{S},6~{S})-4-azanyl-6-methyl-5-oxidanyl-oxan-2-yl]oxy-9-ethyl-4-methoxy-6,9,11-tris(oxidanyl)-8,10-dihydro-7~{H}-tetracene-5,12-dione
4 water water
#
_entity_poly.entity_id   1
_entity_poly.type   'polypeptide(L)'
_entity_poly.pdbx_seq_one_letter_code
;MSSSSPGEPLEPTDQDLDVLLKNLGNLVTPMALRVAATLRLVDHLLAGADTLAGLADRTDTHPQALSRLVRHLTVVGVLE
GGEKQGRPLRPTRLGMLLADGHPAQQRAWLDLNGAVSHADLAFTGLLDVVRTGRPAYAGRYGRPFWEDLSADVALADSFD
ALMSCDEDLAYEAPADAYDWSAVRHVLDVGGGNGGMLAAIALRAPHLRGTLVELAGPAERARRRFADAGLADRVTVAEGD
FFKPLPVTADVVLLSFVLLNWSDEDALTILRGCVRALEPGGRLLVLDRADVEGDGADRFFSTLLDLRMLTFMGGRVRTRD
EVVDLAGSAGLALASERTSGSTTLPFDFSILEFTAVSEEAAPAAQASEALPAQE
;
_entity_poly.pdbx_strand_id   A,B
#
loop_
_chem_comp.id
_chem_comp.type
_chem_comp.name
_chem_comp.formula
A1L3V non-polymer (7~{S},9~{S})-7-[(2~{R},4~{S},5~{S},6~{S})-4-azanyl-6-methyl-5-oxidanyl-oxan-2-yl]oxy-9-ethyl-4-methoxy-6,9,11-tris(oxidanyl)-8,10-dihydro-7~{H}-tetracene-5,12-dione 'C27 H31 N O9'
SAH non-polymer S-ADENOSYL-L-HOMOCYSTEINE 'C14 H20 N6 O5 S'
#
# COMPACT_ATOMS: atom_id res chain seq x y z
N GLU A 11 -2.81 -14.72 22.54
CA GLU A 11 -1.42 -14.74 23.01
C GLU A 11 -0.33 -14.09 22.12
N PRO A 12 -0.58 -12.91 21.54
CA PRO A 12 0.38 -12.37 20.55
C PRO A 12 1.71 -11.92 21.18
N THR A 13 2.81 -12.35 20.57
CA THR A 13 4.15 -12.02 21.05
C THR A 13 4.55 -10.63 20.58
N ASP A 14 5.74 -10.18 20.99
CA ASP A 14 6.24 -8.90 20.55
C ASP A 14 6.61 -8.93 19.08
N GLN A 15 7.18 -10.06 18.62
CA GLN A 15 7.54 -10.22 17.22
C GLN A 15 6.29 -10.17 16.34
N ASP A 16 5.18 -10.73 16.82
CA ASP A 16 3.93 -10.67 16.09
C ASP A 16 3.55 -9.23 15.77
N LEU A 17 3.61 -8.34 16.77
CA LEU A 17 3.23 -6.96 16.53
C LEU A 17 4.20 -6.28 15.57
N ASP A 18 5.49 -6.60 15.69
CA ASP A 18 6.47 -6.11 14.72
C ASP A 18 6.08 -6.51 13.29
N VAL A 19 5.61 -7.74 13.11
CA VAL A 19 5.25 -8.21 11.78
C VAL A 19 4.03 -7.47 11.24
N LEU A 20 3.05 -7.22 12.10
CA LEU A 20 1.85 -6.53 11.63
C LEU A 20 2.14 -5.08 11.25
N LEU A 21 2.98 -4.39 12.03
CA LEU A 21 3.22 -2.97 11.82
C LEU A 21 4.12 -2.71 10.62
N LYS A 22 5.16 -3.55 10.46
CA LYS A 22 6.16 -3.34 9.42
C LYS A 22 5.78 -4.00 8.10
N ASN A 23 5.01 -5.10 8.15
CA ASN A 23 4.76 -5.92 6.97
C ASN A 23 3.27 -5.99 6.64
N LEU A 24 2.51 -6.82 7.37
CA LEU A 24 1.19 -7.22 6.91
C LEU A 24 0.20 -6.05 6.86
N GLY A 25 0.30 -5.11 7.79
CA GLY A 25 -0.59 -3.96 7.82
C GLY A 25 0.00 -2.70 7.25
N ASN A 26 1.20 -2.77 6.66
CA ASN A 26 1.99 -1.60 6.28
C ASN A 26 1.61 -1.20 4.87
N LEU A 27 0.88 -0.09 4.75
CA LEU A 27 0.45 0.49 3.49
C LEU A 27 1.42 1.52 2.96
N VAL A 28 2.30 2.04 3.82
CA VAL A 28 3.18 3.13 3.43
C VAL A 28 4.33 2.62 2.57
N THR A 29 5.04 1.60 3.06
CA THR A 29 6.22 1.12 2.32
C THR A 29 5.87 0.68 0.90
N PRO A 30 4.82 -0.11 0.64
CA PRO A 30 4.50 -0.42 -0.77
C PRO A 30 4.23 0.80 -1.64
N MET A 31 3.68 1.89 -1.10
CA MET A 31 3.52 3.06 -1.94
C MET A 31 4.87 3.73 -2.19
N ALA A 32 5.77 3.70 -1.20
CA ALA A 32 7.11 4.25 -1.41
C ALA A 32 7.86 3.45 -2.48
N LEU A 33 7.66 2.13 -2.49
CA LEU A 33 8.29 1.32 -3.53
C LEU A 33 7.77 1.71 -4.90
N ARG A 34 6.46 1.93 -5.01
CA ARG A 34 5.86 2.30 -6.28
C ARG A 34 6.33 3.68 -6.72
N VAL A 35 6.42 4.65 -5.79
CA VAL A 35 6.97 5.94 -6.17
C VAL A 35 8.44 5.78 -6.59
N ALA A 36 9.22 4.96 -5.88
CA ALA A 36 10.62 4.75 -6.25
C ALA A 36 10.75 4.22 -7.67
N ALA A 37 9.92 3.23 -8.02
CA ALA A 37 9.94 2.65 -9.35
C ALA A 37 9.49 3.65 -10.40
N THR A 38 8.47 4.45 -10.09
CA THR A 38 7.96 5.42 -11.04
C THR A 38 9.01 6.47 -11.35
N LEU A 39 9.73 6.95 -10.33
CA LEU A 39 10.76 7.95 -10.53
C LEU A 39 12.03 7.37 -11.13
N ARG A 40 12.13 6.05 -11.25
CA ARG A 40 13.33 5.38 -11.76
C ARG A 40 14.55 5.71 -10.90
N LEU A 41 14.35 5.80 -9.58
CA LEU A 41 15.44 6.25 -8.71
C LEU A 41 16.65 5.34 -8.81
N VAL A 42 16.45 4.03 -8.83
CA VAL A 42 17.59 3.10 -8.86
C VAL A 42 18.34 3.25 -10.17
N ASP A 43 17.62 3.44 -11.29
CA ASP A 43 18.29 3.61 -12.57
C ASP A 43 19.09 4.90 -12.58
N HIS A 44 18.56 5.97 -11.99
CA HIS A 44 19.31 7.23 -11.91
C HIS A 44 20.55 7.06 -11.05
N LEU A 45 20.45 6.29 -9.97
CA LEU A 45 21.61 6.05 -9.11
C LEU A 45 22.68 5.26 -9.83
N LEU A 46 22.27 4.34 -10.71
CA LEU A 46 23.22 3.48 -11.41
C LEU A 46 23.92 4.19 -12.57
N ALA A 47 23.38 5.32 -13.02
CA ALA A 47 24.05 6.12 -14.04
C ALA A 47 24.75 7.35 -13.47
N GLY A 48 24.86 7.46 -12.15
CA GLY A 48 25.56 8.58 -11.51
C GLY A 48 24.69 9.70 -10.99
CA ASP A 50 24.89 10.30 -7.04
C ASP A 50 24.52 11.08 -5.78
N THR A 51 24.52 12.41 -5.87
CA THR A 51 24.13 13.28 -4.77
C THR A 51 22.61 13.27 -4.61
N LEU A 52 22.13 13.89 -3.53
CA LEU A 52 20.69 13.91 -3.32
C LEU A 52 20.03 15.00 -4.15
N ALA A 53 20.62 16.20 -4.18
CA ALA A 53 20.05 17.28 -4.99
C ALA A 53 20.15 16.98 -6.48
N GLY A 54 21.16 16.19 -6.89
CA GLY A 54 21.22 15.76 -8.28
C GLY A 54 20.11 14.78 -8.61
N LEU A 55 19.90 13.79 -7.74
CA LEU A 55 18.76 12.90 -7.85
C LEU A 55 17.46 13.67 -8.00
N ALA A 56 17.28 14.73 -7.19
CA ALA A 56 16.04 15.51 -7.23
C ALA A 56 15.87 16.22 -8.57
N ASP A 57 16.97 16.73 -9.14
CA ASP A 57 16.86 17.40 -10.43
C ASP A 57 16.60 16.39 -11.55
N ARG A 58 17.23 15.22 -11.51
CA ARG A 58 16.99 14.24 -12.57
C ARG A 58 15.58 13.65 -12.49
N THR A 59 14.90 13.78 -11.35
CA THR A 59 13.56 13.23 -11.17
C THR A 59 12.49 14.31 -11.08
N ASP A 60 12.87 15.59 -11.09
CA ASP A 60 11.95 16.70 -10.95
C ASP A 60 11.01 16.51 -9.76
N THR A 61 11.63 16.30 -8.60
CA THR A 61 10.91 16.12 -7.36
C THR A 61 11.36 17.18 -6.36
N HIS A 62 10.55 17.35 -5.33
CA HIS A 62 10.88 18.26 -4.24
C HIS A 62 12.09 17.72 -3.48
N PRO A 63 13.16 18.50 -3.33
CA PRO A 63 14.38 17.92 -2.72
C PRO A 63 14.18 17.37 -1.32
N GLN A 64 13.51 18.11 -0.42
CA GLN A 64 13.36 17.58 0.94
C GLN A 64 12.39 16.41 1.00
N ALA A 65 11.39 16.37 0.12
CA ALA A 65 10.48 15.22 0.13
C ALA A 65 11.15 13.97 -0.43
N LEU A 66 11.95 14.13 -1.49
CA LEU A 66 12.71 12.98 -2.00
C LEU A 66 13.67 12.46 -0.94
N SER A 67 14.31 13.35 -0.19
CA SER A 67 15.23 12.87 0.84
C SER A 67 14.49 12.09 1.91
N ARG A 68 13.23 12.44 2.17
CA ARG A 68 12.47 11.73 3.20
C ARG A 68 11.98 10.39 2.70
N LEU A 69 11.63 10.32 1.40
CA LEU A 69 11.36 9.04 0.76
C LEU A 69 12.61 8.15 0.78
N VAL A 70 13.77 8.70 0.44
CA VAL A 70 14.98 7.87 0.36
C VAL A 70 15.35 7.35 1.76
N ARG A 71 15.15 8.17 2.80
CA ARG A 71 15.41 7.70 4.15
C ARG A 71 14.52 6.52 4.51
N HIS A 72 13.24 6.58 4.14
CA HIS A 72 12.38 5.43 4.37
C HIS A 72 12.88 4.22 3.57
N LEU A 73 13.27 4.44 2.31
CA LEU A 73 13.78 3.36 1.46
C LEU A 73 15.07 2.77 2.00
N THR A 74 15.89 3.60 2.66
CA THR A 74 17.11 3.10 3.28
C THR A 74 16.79 2.19 4.46
N VAL A 75 15.87 2.63 5.32
CA VAL A 75 15.48 1.88 6.50
C VAL A 75 14.92 0.50 6.12
N VAL A 76 14.10 0.44 5.08
CA VAL A 76 13.50 -0.84 4.68
C VAL A 76 14.40 -1.66 3.74
N GLY A 77 15.59 -1.18 3.43
CA GLY A 77 16.56 -2.02 2.76
C GLY A 77 16.59 -1.98 1.24
N VAL A 78 16.04 -0.93 0.62
CA VAL A 78 16.08 -0.77 -0.84
C VAL A 78 17.29 0.03 -1.28
N LEU A 79 17.67 1.03 -0.49
CA LEU A 79 18.80 1.90 -0.72
C LEU A 79 19.76 1.82 0.46
N GLU A 80 21.02 2.15 0.20
CA GLU A 80 22.03 2.33 1.23
C GLU A 80 22.97 3.46 0.82
N GLY A 81 23.81 3.88 1.77
CA GLY A 81 24.76 4.93 1.52
C GLY A 81 24.16 6.32 1.72
N GLY A 82 24.93 7.32 1.31
CA GLY A 82 24.51 8.70 1.48
C GLY A 82 24.67 9.22 2.90
N PRO A 88 28.13 6.67 -0.34
CA PRO A 88 27.46 7.11 -1.57
C PRO A 88 26.12 6.39 -1.82
N LEU A 89 25.07 7.15 -2.13
CA LEU A 89 23.73 6.57 -2.23
C LEU A 89 23.64 5.62 -3.42
N ARG A 90 23.18 4.40 -3.17
CA ARG A 90 23.17 3.37 -4.20
C ARG A 90 22.14 2.32 -3.82
N PRO A 91 21.71 1.48 -4.77
CA PRO A 91 20.76 0.42 -4.43
C PRO A 91 21.43 -0.63 -3.56
N THR A 92 20.62 -1.27 -2.71
CA THR A 92 21.08 -2.51 -2.09
C THR A 92 21.00 -3.64 -3.11
N ARG A 93 21.46 -4.83 -2.71
CA ARG A 93 21.24 -6.04 -3.50
C ARG A 93 19.76 -6.21 -3.83
N LEU A 94 18.89 -6.09 -2.81
CA LEU A 94 17.45 -6.17 -3.04
C LEU A 94 16.97 -5.03 -3.94
N GLY A 95 17.46 -3.82 -3.69
CA GLY A 95 17.09 -2.67 -4.49
C GLY A 95 17.44 -2.83 -5.96
N MET A 96 18.35 -3.74 -6.30
CA MET A 96 18.67 -4.00 -7.70
C MET A 96 17.47 -4.58 -8.46
N LEU A 97 16.48 -5.14 -7.74
CA LEU A 97 15.23 -5.54 -8.38
C LEU A 97 14.52 -4.39 -9.08
N LEU A 98 14.81 -3.15 -8.69
CA LEU A 98 14.17 -1.97 -9.28
C LEU A 98 14.96 -1.40 -10.45
N ALA A 99 16.12 -1.96 -10.76
CA ALA A 99 16.81 -1.63 -12.00
C ALA A 99 15.94 -2.04 -13.18
N ASP A 100 15.89 -1.16 -14.19
CA ASP A 100 14.93 -1.40 -15.26
C ASP A 100 15.24 -2.66 -16.07
N GLY A 101 16.49 -3.09 -16.09
CA GLY A 101 16.86 -4.26 -16.83
C GLY A 101 16.72 -5.56 -16.08
N HIS A 102 16.30 -5.55 -14.82
CA HIS A 102 16.25 -6.81 -14.10
C HIS A 102 15.20 -7.74 -14.73
N PRO A 103 15.51 -9.03 -14.89
CA PRO A 103 14.59 -9.92 -15.61
C PRO A 103 13.19 -10.02 -15.02
N ALA A 104 13.04 -9.89 -13.71
CA ALA A 104 11.70 -9.99 -13.14
C ALA A 104 10.86 -8.74 -13.36
N GLN A 105 11.46 -7.66 -13.85
CA GLN A 105 10.74 -6.48 -14.34
C GLN A 105 9.89 -5.81 -13.27
N GLN A 106 10.31 -5.88 -12.00
CA GLN A 106 9.44 -5.33 -10.95
C GLN A 106 9.35 -3.81 -11.01
N ARG A 107 10.37 -3.13 -11.54
CA ARG A 107 10.24 -1.68 -11.70
C ARG A 107 9.03 -1.35 -12.57
N ALA A 108 8.86 -2.06 -13.69
CA ALA A 108 7.73 -1.81 -14.58
C ALA A 108 6.42 -2.21 -13.94
N TRP A 109 6.39 -3.30 -13.17
CA TRP A 109 5.11 -3.71 -12.58
C TRP A 109 4.68 -2.73 -11.49
N LEU A 110 5.62 -2.13 -10.77
CA LEU A 110 5.35 -1.18 -9.71
C LEU A 110 5.16 0.25 -10.21
N ASP A 111 5.54 0.55 -11.44
CA ASP A 111 5.45 1.92 -11.98
C ASP A 111 4.00 2.42 -11.99
N LEU A 112 3.76 3.54 -11.28
CA LEU A 112 2.41 4.08 -11.16
C LEU A 112 1.87 4.61 -12.49
N ASN A 113 2.73 4.79 -13.50
CA ASN A 113 2.25 5.13 -14.84
C ASN A 113 1.86 3.89 -15.65
N GLY A 114 2.20 2.70 -15.16
CA GLY A 114 1.80 1.47 -15.82
C GLY A 114 0.48 0.95 -15.32
N ALA A 115 -0.14 0.10 -16.12
CA ALA A 115 -1.54 -0.24 -15.87
C ALA A 115 -1.73 -1.02 -14.58
N VAL A 116 -0.78 -1.89 -14.23
CA VAL A 116 -1.01 -2.81 -13.13
C VAL A 116 -0.92 -2.08 -11.79
N SER A 117 0.12 -1.26 -11.61
CA SER A 117 0.25 -0.53 -10.37
C SER A 117 -0.82 0.56 -10.25
N HIS A 118 -1.15 1.19 -11.38
CA HIS A 118 -2.32 2.09 -11.48
C HIS A 118 -3.58 1.42 -10.93
N ALA A 119 -3.85 0.19 -11.40
CA ALA A 119 -5.03 -0.53 -10.94
C ALA A 119 -4.91 -0.96 -9.49
N ASP A 120 -3.69 -1.29 -9.04
CA ASP A 120 -3.47 -1.63 -7.64
C ASP A 120 -4.04 -0.57 -6.71
N LEU A 121 -4.00 0.70 -7.12
CA LEU A 121 -4.49 1.76 -6.23
C LEU A 121 -5.97 1.62 -5.94
N ALA A 122 -6.72 0.95 -6.82
CA ALA A 122 -8.13 0.68 -6.57
C ALA A 122 -8.35 -0.24 -5.38
N PHE A 123 -7.30 -0.83 -4.83
CA PHE A 123 -7.48 -1.64 -3.63
C PHE A 123 -7.90 -0.84 -2.41
N THR A 124 -7.82 0.50 -2.47
CA THR A 124 -8.40 1.29 -1.38
C THR A 124 -9.90 1.05 -1.26
N GLY A 125 -10.54 0.55 -2.32
CA GLY A 125 -11.96 0.24 -2.31
C GLY A 125 -12.28 -1.21 -2.05
N LEU A 126 -11.35 -1.93 -1.40
CA LEU A 126 -11.52 -3.36 -1.19
C LEU A 126 -12.70 -3.68 -0.27
N LEU A 127 -13.04 -2.78 0.65
CA LEU A 127 -14.17 -3.02 1.53
C LEU A 127 -15.45 -3.22 0.72
N ASP A 128 -15.69 -2.34 -0.24
CA ASP A 128 -16.87 -2.48 -1.09
C ASP A 128 -16.81 -3.78 -1.89
N VAL A 129 -15.61 -4.18 -2.33
CA VAL A 129 -15.45 -5.42 -3.10
C VAL A 129 -15.95 -6.61 -2.31
N VAL A 130 -15.55 -6.71 -1.03
CA VAL A 130 -15.97 -7.81 -0.17
C VAL A 130 -17.46 -7.70 0.18
N ARG A 131 -18.01 -6.48 0.17
CA ARG A 131 -19.44 -6.33 0.43
C ARG A 131 -20.29 -6.73 -0.77
N THR A 132 -19.83 -6.43 -1.99
CA THR A 132 -20.69 -6.52 -3.17
C THR A 132 -20.25 -7.54 -4.21
N GLY A 133 -19.00 -8.01 -4.17
CA GLY A 133 -18.48 -8.85 -5.23
C GLY A 133 -18.13 -8.12 -6.50
N ARG A 134 -18.29 -6.76 -6.53
CA ARG A 134 -18.02 -6.02 -7.74
C ARG A 134 -16.64 -5.36 -7.68
N PRO A 135 -16.00 -5.17 -8.83
CA PRO A 135 -14.65 -4.60 -8.84
C PRO A 135 -14.65 -3.15 -8.38
N ALA A 136 -13.46 -2.70 -7.93
CA ALA A 136 -13.25 -1.37 -7.40
C ALA A 136 -12.70 -0.39 -8.42
N TYR A 137 -12.28 -0.86 -9.60
CA TYR A 137 -11.53 -0.03 -10.53
C TYR A 137 -12.34 1.18 -10.97
N ALA A 138 -13.58 0.96 -11.43
CA ALA A 138 -14.44 2.06 -11.88
C ALA A 138 -14.74 3.04 -10.76
N GLY A 139 -14.93 2.54 -9.54
CA GLY A 139 -15.16 3.43 -8.41
C GLY A 139 -14.03 4.42 -8.17
N ARG A 140 -12.80 4.05 -8.53
CA ARG A 140 -11.69 5.00 -8.48
C ARG A 140 -11.54 5.80 -9.77
N TYR A 141 -11.55 5.12 -10.92
CA TYR A 141 -11.12 5.71 -12.18
C TYR A 141 -12.25 6.09 -13.12
N GLY A 142 -13.49 5.97 -12.69
CA GLY A 142 -14.62 6.35 -13.54
C GLY A 142 -15.22 5.32 -14.49
N ARG A 143 -14.40 4.58 -15.21
CA ARG A 143 -14.90 3.52 -16.06
C ARG A 143 -14.15 2.22 -15.78
N PRO A 144 -14.75 1.08 -16.06
CA PRO A 144 -14.13 -0.20 -15.70
C PRO A 144 -12.86 -0.48 -16.51
N PHE A 145 -12.15 -1.53 -16.07
CA PHE A 145 -10.76 -1.78 -16.47
C PHE A 145 -10.58 -1.80 -17.98
N TRP A 146 -11.29 -2.71 -18.68
CA TRP A 146 -11.05 -2.85 -20.11
C TRP A 146 -11.51 -1.60 -20.87
N GLU A 147 -12.67 -1.06 -20.50
CA GLU A 147 -13.11 0.23 -21.04
C GLU A 147 -12.04 1.31 -20.89
N ASP A 148 -11.42 1.39 -19.71
CA ASP A 148 -10.41 2.42 -19.47
C ASP A 148 -9.20 2.22 -20.37
N LEU A 149 -8.78 0.97 -20.58
CA LEU A 149 -7.63 0.68 -21.43
C LEU A 149 -7.88 1.06 -22.88
N SER A 150 -9.07 0.75 -23.40
CA SER A 150 -9.34 1.07 -24.80
C SER A 150 -9.42 2.58 -25.03
N ALA A 151 -9.75 3.36 -24.00
CA ALA A 151 -9.87 4.80 -24.16
C ALA A 151 -8.59 5.55 -23.80
N ASP A 152 -7.70 4.94 -23.03
CA ASP A 152 -6.46 5.54 -22.54
C ASP A 152 -5.29 4.77 -23.16
N VAL A 153 -4.68 5.34 -24.21
CA VAL A 153 -3.78 4.56 -25.06
C VAL A 153 -2.49 4.22 -24.32
N ALA A 154 -1.97 5.15 -23.52
CA ALA A 154 -0.71 4.91 -22.82
C ALA A 154 -0.87 3.84 -21.74
N LEU A 155 -2.03 3.84 -21.07
CA LEU A 155 -2.35 2.76 -20.15
C LEU A 155 -2.39 1.42 -20.86
N ALA A 156 -3.08 1.37 -22.01
CA ALA A 156 -3.18 0.12 -22.77
C ALA A 156 -1.82 -0.36 -23.22
N ASP A 157 -0.96 0.57 -23.66
CA ASP A 157 0.39 0.20 -24.11
C ASP A 157 1.20 -0.40 -22.97
N SER A 158 1.18 0.23 -21.79
CA SER A 158 1.96 -0.28 -20.69
C SER A 158 1.52 -1.68 -20.29
N PHE A 159 0.21 -1.95 -20.38
CA PHE A 159 -0.26 -3.27 -20.00
C PHE A 159 0.21 -4.33 -20.99
N ASP A 160 0.01 -4.09 -22.29
CA ASP A 160 0.50 -5.02 -23.29
C ASP A 160 2.00 -5.25 -23.16
N ALA A 161 2.75 -4.19 -22.84
CA ALA A 161 4.19 -4.35 -22.67
C ALA A 161 4.51 -5.23 -21.47
N LEU A 162 3.76 -5.10 -20.37
CA LEU A 162 4.01 -5.92 -19.19
C LEU A 162 3.78 -7.40 -19.48
N MET A 163 2.72 -7.71 -20.24
CA MET A 163 2.32 -9.07 -20.56
C MET A 163 3.25 -9.73 -21.58
N SER A 164 3.87 -8.94 -22.45
CA SER A 164 4.61 -9.41 -23.61
C SER A 164 6.11 -9.38 -23.45
N CYS A 165 6.59 -8.98 -22.27
CA CYS A 165 8.03 -8.90 -22.03
C CYS A 165 8.67 -10.27 -22.19
N ASP A 166 9.77 -10.32 -22.93
CA ASP A 166 10.40 -11.59 -23.26
C ASP A 166 11.56 -11.92 -22.32
N GLU A 167 11.71 -11.19 -21.21
CA GLU A 167 12.68 -11.60 -20.20
C GLU A 167 12.28 -12.91 -19.57
N ASP A 168 10.97 -13.12 -19.41
CA ASP A 168 10.41 -14.34 -18.86
C ASP A 168 10.10 -15.26 -20.03
N LEU A 169 10.64 -16.48 -19.99
CA LEU A 169 10.47 -17.43 -21.07
C LEU A 169 9.21 -18.26 -20.94
N ALA A 170 8.33 -17.94 -19.99
CA ALA A 170 7.04 -18.61 -19.88
C ALA A 170 6.30 -18.64 -21.22
N TYR A 171 6.44 -17.58 -22.03
CA TYR A 171 5.72 -17.52 -23.30
C TYR A 171 6.13 -18.65 -24.25
N GLU A 172 7.32 -19.23 -24.07
CA GLU A 172 7.73 -20.36 -24.90
C GLU A 172 7.14 -21.69 -24.44
N ALA A 173 6.43 -21.71 -23.31
CA ALA A 173 5.95 -22.95 -22.71
C ALA A 173 5.17 -23.84 -23.69
N PRO A 174 4.14 -23.35 -24.41
CA PRO A 174 3.48 -24.23 -25.40
C PRO A 174 4.41 -24.70 -26.51
N ALA A 175 5.23 -23.81 -27.06
CA ALA A 175 6.14 -24.21 -28.13
C ALA A 175 7.07 -25.34 -27.72
N ASP A 176 7.48 -25.37 -26.45
CA ASP A 176 8.44 -26.36 -25.99
C ASP A 176 7.79 -27.65 -25.49
N ALA A 177 6.58 -27.57 -24.94
CA ALA A 177 5.94 -28.68 -24.27
C ALA A 177 5.07 -29.52 -25.18
N TYR A 178 4.58 -28.94 -26.27
CA TYR A 178 3.59 -29.55 -27.14
C TYR A 178 4.27 -30.02 -28.41
N ASP A 179 3.68 -31.03 -29.04
CA ASP A 179 4.20 -31.56 -30.30
C ASP A 179 3.38 -30.97 -31.44
N TRP A 180 4.03 -30.16 -32.28
CA TRP A 180 3.33 -29.40 -33.32
C TRP A 180 3.54 -30.00 -34.71
N SER A 181 4.18 -31.17 -34.82
CA SER A 181 4.54 -31.66 -36.15
C SER A 181 3.31 -31.97 -36.99
N ALA A 182 2.22 -32.43 -36.37
CA ALA A 182 0.99 -32.74 -37.08
C ALA A 182 -0.02 -31.59 -37.12
N VAL A 183 0.23 -30.50 -36.40
CA VAL A 183 -0.72 -29.40 -36.32
C VAL A 183 -0.61 -28.53 -37.57
N ARG A 184 -1.74 -28.08 -38.10
CA ARG A 184 -1.76 -27.30 -39.32
C ARG A 184 -2.08 -25.83 -39.12
N HIS A 185 -2.90 -25.49 -38.12
CA HIS A 185 -3.36 -24.11 -37.94
C HIS A 185 -3.64 -23.87 -36.46
N VAL A 186 -2.99 -22.87 -35.87
CA VAL A 186 -3.17 -22.48 -34.48
C VAL A 186 -3.88 -21.13 -34.43
N LEU A 187 -4.94 -21.05 -33.62
CA LEU A 187 -5.66 -19.80 -33.36
C LEU A 187 -5.39 -19.40 -31.92
N ASP A 188 -4.71 -18.26 -31.71
CA ASP A 188 -4.47 -17.73 -30.36
C ASP A 188 -5.52 -16.67 -30.05
N VAL A 189 -6.40 -16.98 -29.10
CA VAL A 189 -7.53 -16.13 -28.76
C VAL A 189 -7.11 -15.25 -27.58
N GLY A 190 -7.08 -13.93 -27.81
CA GLY A 190 -6.52 -13.01 -26.82
C GLY A 190 -5.02 -13.23 -26.59
N GLY A 191 -4.28 -13.51 -27.66
CA GLY A 191 -2.87 -13.83 -27.52
C GLY A 191 -1.93 -12.65 -27.32
N GLY A 192 -2.45 -11.49 -26.89
CA GLY A 192 -1.58 -10.36 -26.60
C GLY A 192 -0.94 -9.83 -27.86
N ASN A 193 0.32 -9.40 -27.78
CA ASN A 193 0.99 -8.93 -28.97
C ASN A 193 1.70 -10.06 -29.73
N GLY A 194 1.31 -11.31 -29.49
CA GLY A 194 1.68 -12.43 -30.35
C GLY A 194 2.92 -13.20 -29.97
N GLY A 195 3.50 -12.94 -28.79
CA GLY A 195 4.76 -13.60 -28.43
C GLY A 195 4.65 -15.10 -28.41
N MET A 196 3.61 -15.63 -27.75
CA MET A 196 3.40 -17.07 -27.66
C MET A 196 3.26 -17.71 -29.04
N LEU A 197 2.47 -17.09 -29.91
CA LEU A 197 2.22 -17.66 -31.24
C LEU A 197 3.48 -17.63 -32.09
N ALA A 198 4.23 -16.53 -32.05
CA ALA A 198 5.49 -16.47 -32.79
C ALA A 198 6.42 -17.59 -32.36
N ALA A 199 6.50 -17.87 -31.05
CA ALA A 199 7.37 -18.93 -30.55
C ALA A 199 6.98 -20.28 -31.14
N ILE A 200 5.67 -20.59 -31.11
CA ILE A 200 5.18 -21.83 -31.72
C ILE A 200 5.52 -21.88 -33.20
N ALA A 201 5.26 -20.77 -33.92
CA ALA A 201 5.50 -20.76 -35.36
C ALA A 201 6.96 -21.01 -35.69
N LEU A 202 7.87 -20.42 -34.92
CA LEU A 202 9.29 -20.56 -35.19
C LEU A 202 9.76 -21.98 -34.96
N ARG A 203 9.14 -22.72 -34.03
CA ARG A 203 9.49 -24.10 -33.78
C ARG A 203 8.85 -25.07 -34.76
N ALA A 204 7.80 -24.67 -35.44
CA ALA A 204 7.06 -25.57 -36.33
C ALA A 204 6.87 -24.85 -37.65
N PRO A 205 7.86 -24.93 -38.55
CA PRO A 205 7.86 -24.06 -39.75
C PRO A 205 6.72 -24.34 -40.71
N HIS A 206 6.08 -25.51 -40.60
CA HIS A 206 4.95 -25.88 -41.44
C HIS A 206 3.64 -25.23 -41.00
N LEU A 207 3.58 -24.69 -39.79
CA LEU A 207 2.34 -24.24 -39.17
C LEU A 207 1.84 -22.90 -39.73
N ARG A 208 0.52 -22.76 -39.70
CA ARG A 208 -0.19 -21.51 -39.92
C ARG A 208 -0.72 -20.96 -38.60
N GLY A 209 -0.82 -19.64 -38.50
CA GLY A 209 -1.28 -19.04 -37.26
C GLY A 209 -2.23 -17.88 -37.44
N THR A 210 -3.19 -17.76 -36.52
CA THR A 210 -4.12 -16.63 -36.49
C THR A 210 -4.18 -16.11 -35.07
N LEU A 211 -4.12 -14.79 -34.92
CA LEU A 211 -4.23 -14.12 -33.63
C LEU A 211 -5.49 -13.27 -33.60
N VAL A 212 -6.32 -13.43 -32.57
CA VAL A 212 -7.50 -12.59 -32.36
C VAL A 212 -7.29 -11.73 -31.11
N GLU A 213 -7.43 -10.43 -31.25
CA GLU A 213 -7.12 -9.53 -30.15
C GLU A 213 -7.81 -8.20 -30.36
N LEU A 214 -7.78 -7.38 -29.30
CA LEU A 214 -8.24 -6.01 -29.37
C LEU A 214 -7.32 -5.19 -30.27
N ALA A 215 -7.78 -3.99 -30.63
CA ALA A 215 -7.10 -3.19 -31.66
C ALA A 215 -5.63 -2.92 -31.30
N GLY A 216 -5.36 -2.52 -30.05
CA GLY A 216 -4.02 -2.20 -29.61
C GLY A 216 -3.04 -3.36 -29.72
N PRO A 217 -3.29 -4.45 -28.99
CA PRO A 217 -2.41 -5.62 -29.11
C PRO A 217 -2.36 -6.19 -30.50
N ALA A 218 -3.46 -6.14 -31.26
CA ALA A 218 -3.47 -6.73 -32.59
C ALA A 218 -2.48 -6.03 -33.53
N GLU A 219 -2.39 -4.71 -33.43
CA GLU A 219 -1.44 -3.99 -34.28
C GLU A 219 0.00 -4.22 -33.81
N ARG A 220 0.22 -4.30 -32.50
CA ARG A 220 1.56 -4.65 -32.02
C ARG A 220 1.97 -6.03 -32.54
N ALA A 221 1.02 -6.96 -32.63
CA ALA A 221 1.32 -8.29 -33.12
C ALA A 221 1.60 -8.28 -34.63
N ARG A 222 0.83 -7.51 -35.39
CA ARG A 222 1.12 -7.34 -36.81
C ARG A 222 2.56 -6.88 -37.03
N ARG A 223 3.01 -5.92 -36.22
CA ARG A 223 4.38 -5.46 -36.27
C ARG A 223 5.37 -6.57 -35.89
N ARG A 224 5.08 -7.33 -34.84
CA ARG A 224 5.95 -8.44 -34.44
C ARG A 224 6.14 -9.44 -35.57
N PHE A 225 5.05 -9.94 -36.14
CA PHE A 225 5.14 -10.97 -37.17
C PHE A 225 5.81 -10.44 -38.43
N ALA A 226 5.64 -9.17 -38.75
CA ALA A 226 6.32 -8.60 -39.91
C ALA A 226 7.83 -8.58 -39.68
N ASP A 227 8.26 -8.01 -38.55
CA ASP A 227 9.69 -7.93 -38.25
C ASP A 227 10.35 -9.31 -38.17
N ALA A 228 9.60 -10.33 -37.74
CA ALA A 228 10.18 -11.66 -37.55
C ALA A 228 10.34 -12.45 -38.84
N GLY A 229 9.80 -11.96 -39.96
CA GLY A 229 9.72 -12.77 -41.15
C GLY A 229 8.60 -13.79 -41.13
N LEU A 230 7.52 -13.52 -40.39
CA LEU A 230 6.46 -14.51 -40.19
C LEU A 230 5.14 -14.11 -40.83
N ALA A 231 5.04 -12.94 -41.46
CA ALA A 231 3.74 -12.44 -41.90
C ALA A 231 3.08 -13.35 -42.93
N ASP A 232 3.86 -14.16 -43.65
CA ASP A 232 3.26 -14.99 -44.68
C ASP A 232 2.48 -16.17 -44.12
N ARG A 233 2.71 -16.57 -42.87
CA ARG A 233 1.92 -17.67 -42.31
C ARG A 233 1.26 -17.39 -40.97
N VAL A 234 1.43 -16.20 -40.41
CA VAL A 234 0.81 -15.85 -39.14
C VAL A 234 0.07 -14.53 -39.36
N THR A 235 -1.26 -14.56 -39.26
CA THR A 235 -2.07 -13.39 -39.53
C THR A 235 -2.79 -12.92 -38.28
N VAL A 236 -3.10 -11.63 -38.26
CA VAL A 236 -3.74 -10.99 -37.12
C VAL A 236 -5.14 -10.59 -37.53
N ALA A 237 -6.12 -10.85 -36.66
CA ALA A 237 -7.49 -10.40 -36.87
C ALA A 237 -7.93 -9.61 -35.64
N GLU A 238 -8.17 -8.32 -35.79
CA GLU A 238 -8.74 -7.57 -34.68
C GLU A 238 -10.17 -8.07 -34.45
N GLY A 239 -10.47 -8.43 -33.20
CA GLY A 239 -11.77 -9.03 -32.95
C GLY A 239 -12.17 -8.95 -31.49
N ASP A 240 -13.38 -9.44 -31.25
CA ASP A 240 -13.99 -9.56 -29.93
C ASP A 240 -14.23 -11.03 -29.65
N PHE A 241 -13.58 -11.59 -28.62
CA PHE A 241 -13.84 -13.01 -28.40
C PHE A 241 -15.14 -13.28 -27.66
N PHE A 242 -15.97 -12.28 -27.44
CA PHE A 242 -17.35 -12.53 -27.07
C PHE A 242 -18.25 -12.68 -28.29
N LYS A 243 -17.71 -12.46 -29.49
CA LYS A 243 -18.43 -12.64 -30.75
C LYS A 243 -17.78 -13.78 -31.52
N PRO A 244 -18.53 -14.43 -32.43
CA PRO A 244 -18.01 -15.64 -33.09
C PRO A 244 -16.61 -15.43 -33.67
N LEU A 245 -15.78 -16.42 -33.50
CA LEU A 245 -14.39 -16.31 -33.93
C LEU A 245 -14.30 -16.42 -35.46
N PRO A 246 -13.33 -15.73 -36.07
CA PRO A 246 -13.38 -15.56 -37.53
C PRO A 246 -12.81 -16.73 -38.32
N VAL A 247 -12.04 -17.63 -37.70
CA VAL A 247 -11.49 -18.77 -38.41
C VAL A 247 -11.68 -20.00 -37.53
N THR A 248 -11.53 -21.16 -38.13
CA THR A 248 -11.43 -22.41 -37.39
C THR A 248 -9.99 -22.89 -37.41
N ALA A 249 -9.68 -23.82 -36.51
CA ALA A 249 -8.28 -24.21 -36.30
C ALA A 249 -8.26 -25.55 -35.59
N ASP A 250 -7.17 -26.29 -35.80
CA ASP A 250 -7.09 -27.56 -35.12
C ASP A 250 -6.45 -27.45 -33.74
N VAL A 251 -5.78 -26.34 -33.44
CA VAL A 251 -5.42 -26.02 -32.07
C VAL A 251 -5.88 -24.60 -31.79
N VAL A 252 -6.55 -24.41 -30.66
CA VAL A 252 -6.95 -23.09 -30.16
C VAL A 252 -6.22 -22.87 -28.84
N LEU A 253 -5.63 -21.70 -28.66
CA LEU A 253 -4.89 -21.33 -27.48
C LEU A 253 -5.65 -20.27 -26.68
N LEU A 254 -5.76 -20.47 -25.36
CA LEU A 254 -6.36 -19.49 -24.44
C LEU A 254 -5.37 -19.31 -23.29
N SER A 255 -4.51 -18.31 -23.40
CA SER A 255 -3.40 -18.14 -22.45
C SER A 255 -3.74 -17.00 -21.48
N PHE A 256 -3.93 -17.35 -20.21
CA PHE A 256 -4.23 -16.37 -19.16
C PHE A 256 -5.29 -15.38 -19.61
N VAL A 257 -6.38 -15.94 -20.12
CA VAL A 257 -7.57 -15.19 -20.48
C VAL A 257 -8.70 -15.44 -19.49
N LEU A 258 -9.00 -16.72 -19.21
CA LEU A 258 -10.20 -17.06 -18.47
C LEU A 258 -10.25 -16.42 -17.09
N LEU A 259 -9.09 -16.24 -16.45
CA LEU A 259 -9.06 -15.71 -15.10
C LEU A 259 -9.48 -14.25 -15.03
N ASN A 260 -9.58 -13.56 -16.17
CA ASN A 260 -10.03 -12.18 -16.16
C ASN A 260 -11.53 -12.06 -16.07
N TRP A 261 -12.26 -13.18 -16.12
CA TRP A 261 -13.68 -13.18 -16.41
C TRP A 261 -14.47 -13.94 -15.37
N SER A 262 -15.74 -13.59 -15.27
CA SER A 262 -16.66 -14.34 -14.43
C SER A 262 -16.95 -15.69 -15.09
N ASP A 263 -17.62 -16.57 -14.34
CA ASP A 263 -17.89 -17.89 -14.88
C ASP A 263 -18.76 -17.80 -16.13
N GLU A 264 -19.73 -16.89 -16.11
CA GLU A 264 -20.62 -16.68 -17.26
C GLU A 264 -19.85 -16.16 -18.47
N ASP A 265 -18.95 -15.19 -18.26
CA ASP A 265 -18.17 -14.65 -19.36
C ASP A 265 -17.14 -15.67 -19.85
N ALA A 266 -16.46 -16.35 -18.92
CA ALA A 266 -15.50 -17.37 -19.31
C ALA A 266 -16.17 -18.46 -20.14
N LEU A 267 -17.39 -18.83 -19.78
CA LEU A 267 -18.10 -19.89 -20.50
C LEU A 267 -18.46 -19.45 -21.92
N THR A 268 -18.86 -18.19 -22.09
CA THR A 268 -19.09 -17.67 -23.44
C THR A 268 -17.84 -17.77 -24.30
N ILE A 269 -16.69 -17.39 -23.74
CA ILE A 269 -15.42 -17.49 -24.46
C ILE A 269 -15.10 -18.95 -24.77
N LEU A 270 -15.30 -19.83 -23.79
CA LEU A 270 -15.01 -21.24 -24.03
C LEU A 270 -15.89 -21.82 -25.13
N ARG A 271 -17.18 -21.47 -25.12
CA ARG A 271 -18.08 -21.94 -26.15
C ARG A 271 -17.69 -21.39 -27.51
N GLY A 272 -17.22 -20.14 -27.55
CA GLY A 272 -16.69 -19.59 -28.78
C GLY A 272 -15.51 -20.38 -29.33
N CYS A 273 -14.59 -20.79 -28.45
CA CYS A 273 -13.46 -21.58 -28.91
C CYS A 273 -13.88 -22.97 -29.36
N VAL A 274 -14.89 -23.55 -28.71
CA VAL A 274 -15.35 -24.89 -29.11
C VAL A 274 -15.83 -24.86 -30.55
N ARG A 275 -16.68 -23.88 -30.87
CA ARG A 275 -17.17 -23.75 -32.24
C ARG A 275 -16.04 -23.49 -33.23
N ALA A 276 -14.95 -22.86 -32.78
CA ALA A 276 -13.79 -22.65 -33.66
C ALA A 276 -12.96 -23.91 -33.84
N LEU A 277 -13.12 -24.91 -32.97
CA LEU A 277 -12.32 -26.12 -33.07
C LEU A 277 -12.74 -26.93 -34.29
N GLU A 278 -11.77 -27.32 -35.11
CA GLU A 278 -12.05 -28.28 -36.17
C GLU A 278 -12.25 -29.66 -35.56
N PRO A 279 -12.89 -30.59 -36.29
CA PRO A 279 -13.05 -31.95 -35.78
C PRO A 279 -11.74 -32.55 -35.32
N GLY A 280 -11.75 -33.11 -34.10
CA GLY A 280 -10.54 -33.63 -33.49
C GLY A 280 -9.56 -32.57 -33.04
N GLY A 281 -9.98 -31.30 -32.98
CA GLY A 281 -9.11 -30.24 -32.52
C GLY A 281 -8.84 -30.31 -31.02
N ARG A 282 -7.84 -29.54 -30.60
CA ARG A 282 -7.42 -29.44 -29.21
C ARG A 282 -7.49 -27.99 -28.76
N LEU A 283 -8.07 -27.76 -27.58
CA LEU A 283 -7.98 -26.47 -26.91
C LEU A 283 -6.90 -26.55 -25.84
N LEU A 284 -5.94 -25.62 -25.89
CA LEU A 284 -4.92 -25.49 -24.85
C LEU A 284 -5.26 -24.28 -24.00
N VAL A 285 -5.46 -24.51 -22.70
CA VAL A 285 -5.73 -23.45 -21.74
C VAL A 285 -4.50 -23.30 -20.85
N LEU A 286 -3.90 -22.13 -20.86
CA LEU A 286 -2.85 -21.80 -19.91
C LEU A 286 -3.47 -20.91 -18.86
N ASP A 287 -3.33 -21.30 -17.60
CA ASP A 287 -3.86 -20.52 -16.49
C ASP A 287 -3.22 -21.06 -15.22
N ARG A 288 -3.46 -20.35 -14.12
CA ARG A 288 -3.06 -20.83 -12.81
C ARG A 288 -4.19 -21.70 -12.27
N ALA A 289 -3.89 -22.97 -12.03
CA ALA A 289 -4.92 -23.98 -11.78
C ALA A 289 -4.44 -24.92 -10.67
N ASP A 290 -4.50 -24.44 -9.44
CA ASP A 290 -3.90 -25.15 -8.31
C ASP A 290 -4.52 -26.53 -8.12
N VAL A 291 -3.70 -27.46 -7.61
CA VAL A 291 -4.07 -28.82 -7.26
C VAL A 291 -3.53 -29.03 -5.85
N GLU A 292 -4.29 -29.77 -5.04
CA GLU A 292 -3.97 -29.91 -3.63
C GLU A 292 -2.63 -30.62 -3.43
N GLY A 293 -2.32 -31.59 -4.28
CA GLY A 293 -0.98 -32.17 -4.24
C GLY A 293 0.12 -31.14 -4.40
N ASP A 294 0.02 -30.30 -5.46
CA ASP A 294 1.14 -29.54 -5.96
C ASP A 294 1.72 -28.66 -4.87
N GLY A 295 2.90 -28.13 -5.11
CA GLY A 295 3.46 -27.31 -4.05
C GLY A 295 3.44 -25.82 -4.33
N ALA A 296 2.56 -25.36 -5.22
CA ALA A 296 2.64 -23.96 -5.66
C ALA A 296 2.23 -23.03 -4.52
N ASP A 297 2.95 -21.90 -4.43
CA ASP A 297 2.80 -20.95 -3.34
C ASP A 297 1.39 -20.34 -3.35
N ARG A 298 0.56 -20.72 -2.39
CA ARG A 298 -0.80 -20.18 -2.32
C ARG A 298 -0.83 -18.68 -2.08
N PHE A 299 0.28 -18.07 -1.65
CA PHE A 299 0.31 -16.62 -1.59
C PHE A 299 0.00 -16.02 -2.96
N PHE A 300 0.63 -16.55 -4.01
CA PHE A 300 0.42 -15.92 -5.31
C PHE A 300 -0.90 -16.31 -5.93
N SER A 301 -1.44 -17.48 -5.59
CA SER A 301 -2.80 -17.81 -6.01
C SER A 301 -3.78 -16.76 -5.48
N THR A 302 -3.71 -16.46 -4.18
CA THR A 302 -4.71 -15.58 -3.56
C THR A 302 -4.48 -14.12 -3.96
N LEU A 303 -3.22 -13.72 -4.07
CA LEU A 303 -2.91 -12.35 -4.48
C LEU A 303 -3.46 -12.08 -5.87
N LEU A 304 -3.17 -12.95 -6.84
CA LEU A 304 -3.69 -12.76 -8.19
C LEU A 304 -5.22 -12.89 -8.20
N ASP A 305 -5.78 -13.78 -7.38
CA ASP A 305 -7.23 -13.89 -7.27
C ASP A 305 -7.85 -12.58 -6.78
N LEU A 306 -7.24 -11.92 -5.80
CA LEU A 306 -7.84 -10.68 -5.33
C LEU A 306 -7.62 -9.55 -6.32
N ARG A 307 -6.56 -9.61 -7.11
CA ARG A 307 -6.37 -8.62 -8.17
C ARG A 307 -7.41 -8.80 -9.27
N MET A 308 -7.63 -10.03 -9.74
CA MET A 308 -8.67 -10.24 -10.75
C MET A 308 -10.04 -9.78 -10.23
N LEU A 309 -10.38 -10.15 -9.00
CA LEU A 309 -11.66 -9.71 -8.44
C LEU A 309 -11.73 -8.19 -8.38
N THR A 310 -10.72 -7.55 -7.78
CA THR A 310 -10.81 -6.12 -7.51
C THR A 310 -10.74 -5.30 -8.80
N PHE A 311 -9.94 -5.74 -9.78
CA PHE A 311 -9.73 -4.99 -11.02
C PHE A 311 -10.86 -5.16 -12.03
N MET A 312 -11.46 -6.35 -12.12
CA MET A 312 -12.39 -6.60 -13.21
C MET A 312 -13.43 -7.66 -12.89
N GLY A 313 -13.53 -8.14 -11.66
CA GLY A 313 -14.50 -9.17 -11.35
C GLY A 313 -14.15 -10.57 -11.84
N GLY A 314 -12.87 -10.81 -12.16
CA GLY A 314 -12.43 -12.14 -12.56
C GLY A 314 -12.30 -13.09 -11.38
N ARG A 315 -11.71 -14.26 -11.65
CA ARG A 315 -11.53 -15.27 -10.62
C ARG A 315 -10.38 -16.19 -11.03
N VAL A 316 -9.45 -16.42 -10.12
CA VAL A 316 -8.50 -17.51 -10.31
C VAL A 316 -9.22 -18.80 -9.92
N ARG A 317 -9.10 -19.81 -10.77
CA ARG A 317 -9.80 -21.08 -10.55
C ARG A 317 -8.80 -22.20 -10.30
N THR A 318 -9.21 -23.17 -9.49
CA THR A 318 -8.40 -24.36 -9.38
C THR A 318 -8.53 -25.21 -10.65
N ARG A 319 -7.65 -26.20 -10.76
CA ARG A 319 -7.69 -27.13 -11.88
C ARG A 319 -9.07 -27.77 -11.98
N ASP A 320 -9.59 -28.26 -10.86
CA ASP A 320 -10.91 -28.89 -10.88
C ASP A 320 -11.96 -27.89 -11.34
N GLU A 321 -11.81 -26.62 -10.94
CA GLU A 321 -12.79 -25.60 -11.32
C GLU A 321 -12.71 -25.28 -12.82
N VAL A 322 -11.49 -25.13 -13.36
CA VAL A 322 -11.34 -24.96 -14.81
C VAL A 322 -11.93 -26.15 -15.56
N VAL A 323 -11.59 -27.36 -15.13
CA VAL A 323 -12.05 -28.56 -15.82
C VAL A 323 -13.58 -28.65 -15.78
N ASP A 324 -14.17 -28.29 -14.66
CA ASP A 324 -15.63 -28.29 -14.57
C ASP A 324 -16.24 -27.28 -15.54
N LEU A 325 -15.68 -26.06 -15.54
CA LEU A 325 -16.15 -25.02 -16.44
C LEU A 325 -16.03 -25.48 -17.89
N ALA A 326 -14.89 -26.08 -18.26
CA ALA A 326 -14.73 -26.56 -19.62
C ALA A 326 -15.70 -27.68 -19.95
N GLY A 327 -16.02 -28.53 -18.97
CA GLY A 327 -17.00 -29.58 -19.23
C GLY A 327 -18.38 -29.03 -19.58
N SER A 328 -18.76 -27.91 -18.95
CA SER A 328 -20.02 -27.26 -19.30
C SER A 328 -20.03 -26.75 -20.73
N ALA A 329 -18.86 -26.39 -21.28
CA ALA A 329 -18.78 -25.97 -22.66
C ALA A 329 -18.55 -27.14 -23.60
N GLY A 330 -18.60 -28.38 -23.10
CA GLY A 330 -18.49 -29.55 -23.95
C GLY A 330 -17.12 -30.17 -24.06
N LEU A 331 -16.15 -29.77 -23.23
CA LEU A 331 -14.77 -30.20 -23.35
C LEU A 331 -14.39 -31.18 -22.25
N ALA A 332 -13.65 -32.22 -22.64
CA ALA A 332 -13.05 -33.14 -21.68
C ALA A 332 -11.54 -32.95 -21.69
N LEU A 333 -10.93 -33.03 -20.50
CA LEU A 333 -9.50 -32.84 -20.39
C LEU A 333 -8.74 -34.03 -20.99
N ALA A 334 -7.81 -33.75 -21.89
CA ALA A 334 -6.98 -34.77 -22.51
C ALA A 334 -5.65 -34.96 -21.80
N SER A 335 -5.03 -33.86 -21.36
CA SER A 335 -3.75 -33.94 -20.67
C SER A 335 -3.53 -32.65 -19.92
N GLU A 336 -2.61 -32.71 -18.96
CA GLU A 336 -2.26 -31.56 -18.15
C GLU A 336 -0.76 -31.64 -17.84
N ARG A 337 -0.09 -30.50 -17.95
CA ARG A 337 1.34 -30.38 -17.65
C ARG A 337 1.58 -29.11 -16.85
N THR A 338 2.58 -29.17 -15.98
CA THR A 338 3.04 -28.01 -15.22
C THR A 338 4.13 -27.27 -15.99
N SER A 339 4.07 -25.94 -15.92
CA SER A 339 5.14 -25.06 -16.39
C SER A 339 5.29 -23.94 -15.36
N GLY A 340 6.00 -22.88 -15.71
CA GLY A 340 6.16 -21.80 -14.77
C GLY A 340 7.02 -20.70 -15.34
N SER A 341 6.87 -19.52 -14.74
CA SER A 341 7.73 -18.39 -15.02
C SER A 341 9.18 -18.76 -14.73
N THR A 342 10.09 -18.23 -15.54
CA THR A 342 11.51 -18.40 -15.34
C THR A 342 12.14 -17.21 -14.64
N THR A 343 11.33 -16.19 -14.28
CA THR A 343 11.80 -15.01 -13.57
C THR A 343 11.10 -14.77 -12.25
N LEU A 344 9.83 -15.17 -12.11
CA LEU A 344 9.04 -15.03 -10.90
C LEU A 344 8.78 -16.38 -10.27
N PRO A 345 8.43 -16.42 -8.98
CA PRO A 345 8.03 -17.70 -8.36
C PRO A 345 6.56 -17.99 -8.67
N PHE A 346 6.29 -18.48 -9.88
CA PHE A 346 4.90 -18.59 -10.33
C PHE A 346 4.78 -19.77 -11.31
N ASP A 347 4.42 -20.94 -10.78
CA ASP A 347 4.07 -22.07 -11.61
C ASP A 347 2.67 -21.88 -12.17
N PHE A 348 2.42 -22.56 -13.29
CA PHE A 348 1.09 -22.58 -13.88
C PHE A 348 0.92 -23.89 -14.63
N SER A 349 -0.25 -24.08 -15.22
CA SER A 349 -0.60 -25.35 -15.84
C SER A 349 -0.94 -25.11 -17.31
N ILE A 350 -0.72 -26.15 -18.12
CA ILE A 350 -1.19 -26.22 -19.49
C ILE A 350 -2.20 -27.34 -19.55
N LEU A 351 -3.46 -27.00 -19.80
CA LEU A 351 -4.58 -27.92 -19.77
C LEU A 351 -5.06 -28.11 -21.20
N GLU A 352 -5.01 -29.35 -21.69
CA GLU A 352 -5.40 -29.64 -23.05
C GLU A 352 -6.77 -30.28 -23.05
N PHE A 353 -7.69 -29.74 -23.85
CA PHE A 353 -9.06 -30.24 -23.92
C PHE A 353 -9.41 -30.67 -25.34
N THR A 354 -10.34 -31.62 -25.42
CA THR A 354 -10.92 -32.05 -26.68
C THR A 354 -12.44 -32.03 -26.57
N ALA A 355 -13.09 -31.75 -27.71
CA ALA A 355 -14.56 -31.72 -27.76
C ALA A 355 -15.18 -33.07 -27.44
N PRO B 9 28.23 -5.29 -9.90
CA PRO B 9 26.78 -5.10 -9.83
C PRO B 9 26.11 -6.18 -8.98
N LEU B 10 25.34 -5.76 -7.98
CA LEU B 10 24.69 -6.72 -7.09
C LEU B 10 23.56 -7.45 -7.81
N GLU B 11 23.34 -8.71 -7.42
CA GLU B 11 22.38 -9.57 -8.10
C GLU B 11 21.31 -10.02 -7.11
N PRO B 12 20.06 -9.57 -7.25
CA PRO B 12 19.01 -10.02 -6.33
C PRO B 12 18.90 -11.54 -6.32
N THR B 13 18.57 -12.07 -5.14
CA THR B 13 18.31 -13.49 -4.97
C THR B 13 16.82 -13.77 -5.00
N ASP B 14 16.47 -15.06 -5.00
CA ASP B 14 15.06 -15.42 -4.90
C ASP B 14 14.45 -14.97 -3.59
N GLN B 15 15.24 -14.90 -2.53
CA GLN B 15 14.70 -14.42 -1.24
C GLN B 15 14.42 -12.92 -1.29
N ASP B 16 15.31 -12.15 -1.93
CA ASP B 16 15.03 -10.72 -2.14
C ASP B 16 13.73 -10.54 -2.91
N LEU B 17 13.56 -11.29 -3.99
CA LEU B 17 12.32 -11.15 -4.77
C LEU B 17 11.10 -11.52 -3.93
N ASP B 18 11.21 -12.58 -3.12
CA ASP B 18 10.14 -12.97 -2.22
C ASP B 18 9.77 -11.83 -1.28
N VAL B 19 10.78 -11.19 -0.69
CA VAL B 19 10.55 -10.08 0.24
C VAL B 19 9.86 -8.92 -0.49
N LEU B 20 10.30 -8.61 -1.71
CA LEU B 20 9.66 -7.54 -2.47
C LEU B 20 8.20 -7.87 -2.75
N LEU B 21 7.92 -9.11 -3.17
CA LEU B 21 6.58 -9.46 -3.63
C LEU B 21 5.60 -9.61 -2.47
N LYS B 22 6.03 -10.21 -1.36
CA LYS B 22 5.14 -10.50 -0.24
C LYS B 22 5.11 -9.41 0.82
N ASN B 23 6.15 -8.59 0.92
CA ASN B 23 6.25 -7.59 1.97
C ASN B 23 6.34 -6.17 1.42
N LEU B 24 7.52 -5.77 0.90
CA LEU B 24 7.83 -4.35 0.72
C LEU B 24 7.00 -3.70 -0.37
N GLY B 25 6.67 -4.42 -1.43
CA GLY B 25 5.82 -3.89 -2.47
C GLY B 25 4.38 -4.39 -2.43
N ASN B 26 4.00 -5.13 -1.40
CA ASN B 26 2.68 -5.75 -1.33
C ASN B 26 1.67 -4.74 -0.78
N LEU B 27 0.78 -4.26 -1.67
CA LEU B 27 -0.30 -3.36 -1.30
C LEU B 27 -1.61 -4.08 -0.96
N VAL B 28 -1.77 -5.30 -1.44
CA VAL B 28 -3.02 -6.04 -1.27
C VAL B 28 -3.21 -6.48 0.17
N THR B 29 -2.16 -7.01 0.78
CA THR B 29 -2.28 -7.59 2.11
C THR B 29 -2.60 -6.52 3.17
N PRO B 30 -2.00 -5.31 3.13
CA PRO B 30 -2.45 -4.28 4.09
C PRO B 30 -3.88 -3.87 3.91
N MET B 31 -4.39 -3.84 2.68
CA MET B 31 -5.81 -3.55 2.54
C MET B 31 -6.67 -4.70 3.05
N ALA B 32 -6.23 -5.94 2.85
CA ALA B 32 -6.98 -7.08 3.39
C ALA B 32 -7.01 -7.05 4.91
N LEU B 33 -5.92 -6.61 5.55
CA LEU B 33 -5.91 -6.48 7.00
C LEU B 33 -6.87 -5.39 7.46
N ARG B 34 -6.93 -4.29 6.70
CA ARG B 34 -7.85 -3.21 7.07
C ARG B 34 -9.30 -3.63 6.89
N VAL B 35 -9.62 -4.30 5.79
CA VAL B 35 -11.00 -4.74 5.56
C VAL B 35 -11.40 -5.73 6.64
N ALA B 36 -10.51 -6.65 7.01
CA ALA B 36 -10.80 -7.56 8.11
C ALA B 36 -11.08 -6.79 9.40
N ALA B 37 -10.19 -5.86 9.75
CA ALA B 37 -10.40 -5.04 10.94
C ALA B 37 -11.76 -4.38 10.89
N THR B 38 -12.04 -3.67 9.80
CA THR B 38 -13.33 -3.02 9.62
C THR B 38 -14.49 -3.99 9.69
N LEU B 39 -14.30 -5.25 9.29
CA LEU B 39 -15.38 -6.23 9.40
C LEU B 39 -15.44 -6.88 10.78
N ARG B 40 -14.48 -6.57 11.68
CA ARG B 40 -14.41 -7.21 12.98
C ARG B 40 -14.43 -8.74 12.86
N LEU B 41 -13.79 -9.22 11.78
CA LEU B 41 -13.81 -10.65 11.49
C LEU B 41 -13.33 -11.47 12.68
N VAL B 42 -12.18 -11.10 13.24
CA VAL B 42 -11.62 -11.85 14.35
C VAL B 42 -12.60 -11.87 15.52
N ASP B 43 -13.14 -10.69 15.88
CA ASP B 43 -14.13 -10.62 16.94
C ASP B 43 -15.42 -11.34 16.53
N HIS B 44 -15.95 -10.99 15.34
CA HIS B 44 -17.21 -11.57 14.89
C HIS B 44 -17.10 -13.08 14.69
N LEU B 45 -15.87 -13.62 14.66
CA LEU B 45 -15.65 -15.07 14.61
C LEU B 45 -15.55 -15.69 15.98
N LEU B 46 -15.14 -14.93 17.01
CA LEU B 46 -15.13 -15.44 18.37
C LEU B 46 -16.52 -15.32 19.00
N ALA B 47 -17.55 -15.69 18.26
CA ALA B 47 -18.93 -15.43 18.67
C ALA B 47 -19.87 -16.56 18.29
N ALA B 53 -21.25 -18.06 5.02
CA ALA B 53 -22.54 -17.63 4.50
C ALA B 53 -23.26 -16.65 5.44
N GLY B 54 -23.48 -17.08 6.69
CA GLY B 54 -24.07 -16.20 7.69
C GLY B 54 -23.14 -15.10 8.18
N LEU B 55 -21.86 -15.22 7.90
CA LEU B 55 -20.88 -14.18 8.18
C LEU B 55 -21.18 -12.93 7.36
CA THR B 59 -21.09 -9.62 8.43
C THR B 59 -21.52 -8.61 7.38
N ASP B 60 -22.56 -8.93 6.61
CA ASP B 60 -23.03 -8.06 5.51
C ASP B 60 -22.05 -8.08 4.32
N THR B 61 -21.46 -9.23 4.06
CA THR B 61 -20.49 -9.34 2.98
C THR B 61 -20.99 -10.35 1.94
N HIS B 62 -20.51 -10.19 0.72
CA HIS B 62 -20.76 -11.17 -0.35
C HIS B 62 -20.01 -12.45 -0.02
N PRO B 63 -20.70 -13.60 0.07
CA PRO B 63 -20.08 -14.78 0.68
C PRO B 63 -18.92 -15.37 -0.11
N GLN B 64 -18.99 -15.39 -1.44
CA GLN B 64 -17.85 -15.91 -2.19
C GLN B 64 -16.68 -14.94 -2.12
N ALA B 65 -16.97 -13.63 -2.13
CA ALA B 65 -15.91 -12.64 -2.00
C ALA B 65 -15.28 -12.67 -0.61
N LEU B 66 -16.09 -12.84 0.43
CA LEU B 66 -15.54 -12.98 1.77
C LEU B 66 -14.67 -14.23 1.90
N SER B 67 -15.06 -15.34 1.26
CA SER B 67 -14.21 -16.52 1.32
C SER B 67 -12.88 -16.30 0.61
N ARG B 68 -12.91 -15.58 -0.52
CA ARG B 68 -11.67 -15.28 -1.23
C ARG B 68 -10.74 -14.41 -0.40
N LEU B 69 -11.29 -13.47 0.39
CA LEU B 69 -10.47 -12.69 1.32
C LEU B 69 -9.89 -13.57 2.40
N VAL B 70 -10.69 -14.51 2.92
CA VAL B 70 -10.24 -15.32 4.05
C VAL B 70 -9.16 -16.29 3.60
N ARG B 71 -9.25 -16.79 2.35
CA ARG B 71 -8.16 -17.56 1.77
C ARG B 71 -6.85 -16.78 1.85
N HIS B 72 -6.86 -15.53 1.37
CA HIS B 72 -5.67 -14.69 1.48
C HIS B 72 -5.23 -14.49 2.92
N LEU B 73 -6.18 -14.17 3.81
CA LEU B 73 -5.83 -13.95 5.21
C LEU B 73 -5.27 -15.21 5.86
N THR B 74 -5.74 -16.37 5.41
CA THR B 74 -5.17 -17.62 5.92
C THR B 74 -3.73 -17.80 5.48
N VAL B 75 -3.42 -17.51 4.21
CA VAL B 75 -2.08 -17.73 3.70
C VAL B 75 -1.07 -16.80 4.38
N VAL B 76 -1.44 -15.53 4.59
CA VAL B 76 -0.49 -14.59 5.19
C VAL B 76 -0.40 -14.71 6.70
N GLY B 77 -1.12 -15.66 7.30
CA GLY B 77 -0.91 -15.99 8.68
C GLY B 77 -1.74 -15.22 9.69
N VAL B 78 -2.93 -14.78 9.32
CA VAL B 78 -3.86 -14.14 10.24
C VAL B 78 -4.88 -15.13 10.80
N LEU B 79 -5.38 -16.02 9.93
CA LEU B 79 -6.37 -17.03 10.27
C LEU B 79 -5.85 -18.41 9.89
N GLU B 80 -6.56 -19.42 10.40
CA GLU B 80 -6.25 -20.82 10.16
C GLU B 80 -7.55 -21.61 10.31
N GLY B 81 -7.59 -22.78 9.68
CA GLY B 81 -8.72 -23.69 9.84
C GLY B 81 -9.70 -23.74 8.68
N PRO B 88 -11.76 -25.98 11.42
CA PRO B 88 -12.22 -25.04 12.45
C PRO B 88 -11.51 -23.69 12.34
N LEU B 89 -12.18 -22.71 11.73
CA LEU B 89 -11.57 -21.44 11.39
C LEU B 89 -11.30 -20.63 12.64
N ARG B 90 -10.03 -20.29 12.87
CA ARG B 90 -9.61 -19.60 14.08
C ARG B 90 -8.54 -18.57 13.73
N PRO B 91 -8.47 -17.46 14.47
CA PRO B 91 -7.30 -16.60 14.38
C PRO B 91 -6.06 -17.33 14.87
N THR B 92 -4.90 -16.85 14.40
CA THR B 92 -3.62 -17.33 14.89
C THR B 92 -3.18 -16.49 16.09
N ARG B 93 -2.01 -16.81 16.65
CA ARG B 93 -1.43 -15.96 17.69
C ARG B 93 -1.26 -14.53 17.18
N LEU B 94 -0.92 -14.37 15.91
CA LEU B 94 -0.82 -13.04 15.32
C LEU B 94 -2.20 -12.45 15.08
N GLY B 95 -3.15 -13.27 14.62
CA GLY B 95 -4.50 -12.81 14.40
C GLY B 95 -5.15 -12.24 15.63
N MET B 96 -4.66 -12.61 16.83
CA MET B 96 -5.21 -12.05 18.05
C MET B 96 -4.83 -10.60 18.26
N LEU B 97 -4.17 -9.97 17.30
CA LEU B 97 -3.96 -8.54 17.35
C LEU B 97 -5.18 -7.77 16.87
N LEU B 98 -6.05 -8.41 16.09
CA LEU B 98 -7.28 -7.80 15.63
C LEU B 98 -8.44 -8.04 16.60
N ALA B 99 -8.19 -8.71 17.72
CA ALA B 99 -9.19 -8.83 18.78
C ALA B 99 -9.39 -7.47 19.42
N ASP B 100 -10.65 -7.06 19.55
CA ASP B 100 -10.89 -5.72 20.07
C ASP B 100 -10.34 -5.52 21.47
N GLY B 101 -10.05 -6.60 22.20
CA GLY B 101 -9.52 -6.47 23.54
C GLY B 101 -8.02 -6.26 23.67
N HIS B 102 -7.26 -6.42 22.59
CA HIS B 102 -5.80 -6.42 22.72
C HIS B 102 -5.31 -5.00 23.03
N PRO B 103 -4.34 -4.86 23.94
CA PRO B 103 -3.90 -3.52 24.35
C PRO B 103 -3.38 -2.65 23.22
N ALA B 104 -2.69 -3.24 22.22
CA ALA B 104 -2.14 -2.41 21.16
C ALA B 104 -3.20 -1.84 20.24
N GLN B 105 -4.46 -2.28 20.38
CA GLN B 105 -5.61 -1.66 19.70
C GLN B 105 -5.44 -1.59 18.19
N GLN B 106 -4.78 -2.58 17.59
CA GLN B 106 -4.52 -2.52 16.15
C GLN B 106 -5.80 -2.60 15.32
N ARG B 107 -6.84 -3.27 15.83
CA ARG B 107 -8.09 -3.33 15.08
C ARG B 107 -8.67 -1.93 14.89
N ALA B 108 -8.55 -1.08 15.91
CA ALA B 108 -9.03 0.29 15.79
C ALA B 108 -8.10 1.11 14.90
N TRP B 109 -6.78 0.93 15.07
CA TRP B 109 -5.81 1.58 14.19
C TRP B 109 -6.06 1.21 12.73
N LEU B 110 -6.43 -0.04 12.46
CA LEU B 110 -6.61 -0.48 11.09
C LEU B 110 -8.01 -0.28 10.57
N ASP B 111 -8.98 -0.05 11.48
CA ASP B 111 -10.37 0.13 11.08
C ASP B 111 -10.50 1.24 10.06
N LEU B 112 -11.12 0.94 8.92
CA LEU B 112 -11.22 1.90 7.83
C LEU B 112 -12.12 3.09 8.16
N ASN B 113 -12.99 2.97 9.15
CA ASN B 113 -13.81 4.09 9.58
C ASN B 113 -13.08 5.02 10.55
N GLY B 114 -11.94 4.60 11.08
CA GLY B 114 -11.16 5.44 11.96
C GLY B 114 -10.24 6.38 11.22
N ALA B 115 -9.82 7.44 11.93
CA ALA B 115 -9.12 8.56 11.29
C ALA B 115 -7.78 8.16 10.67
N VAL B 116 -7.05 7.22 11.28
CA VAL B 116 -5.69 6.97 10.81
C VAL B 116 -5.71 6.09 9.56
N SER B 117 -6.45 4.99 9.59
CA SER B 117 -6.60 4.16 8.40
C SER B 117 -7.23 4.95 7.26
N HIS B 118 -8.25 5.75 7.58
CA HIS B 118 -8.86 6.62 6.59
C HIS B 118 -7.82 7.54 5.97
N ALA B 119 -6.95 8.12 6.81
CA ALA B 119 -5.90 8.97 6.27
C ALA B 119 -4.87 8.16 5.50
N ASP B 120 -4.55 6.95 5.95
CA ASP B 120 -3.58 6.12 5.27
C ASP B 120 -3.91 5.91 3.79
N LEU B 121 -5.21 5.84 3.45
CA LEU B 121 -5.57 5.62 2.07
C LEU B 121 -5.07 6.72 1.15
N ALA B 122 -4.82 7.92 1.69
CA ALA B 122 -4.31 9.01 0.87
C ALA B 122 -2.90 8.76 0.37
N PHE B 123 -2.21 7.72 0.86
CA PHE B 123 -0.89 7.39 0.35
C PHE B 123 -0.91 6.98 -1.11
N THR B 124 -2.08 6.65 -1.68
CA THR B 124 -2.07 6.40 -3.12
C THR B 124 -1.75 7.65 -3.91
N GLY B 125 -1.77 8.84 -3.28
CA GLY B 125 -1.26 10.04 -3.90
C GLY B 125 0.19 10.38 -3.56
N LEU B 126 0.97 9.38 -3.11
CA LEU B 126 2.33 9.65 -2.67
C LEU B 126 3.20 10.25 -3.78
N LEU B 127 2.89 9.96 -5.05
CA LEU B 127 3.74 10.45 -6.12
C LEU B 127 3.73 11.97 -6.20
N ASP B 128 2.54 12.58 -6.15
CA ASP B 128 2.48 14.05 -6.15
C ASP B 128 3.10 14.63 -4.90
N VAL B 129 2.87 13.99 -3.74
CA VAL B 129 3.49 14.41 -2.50
C VAL B 129 5.01 14.53 -2.67
N VAL B 130 5.64 13.50 -3.24
CA VAL B 130 7.09 13.56 -3.36
C VAL B 130 7.52 14.57 -4.41
N ARG B 131 6.73 14.76 -5.46
CA ARG B 131 7.08 15.73 -6.49
C ARG B 131 7.00 17.17 -5.98
N THR B 132 6.14 17.44 -5.00
CA THR B 132 5.83 18.81 -4.58
C THR B 132 6.00 19.08 -3.08
N GLY B 133 6.05 18.07 -2.24
CA GLY B 133 6.08 18.30 -0.81
C GLY B 133 4.76 18.70 -0.21
N ARG B 134 3.69 18.73 -1.00
CA ARG B 134 2.36 19.12 -0.53
C ARG B 134 1.57 17.87 -0.13
N PRO B 135 0.75 17.98 0.92
CA PRO B 135 0.00 16.81 1.40
C PRO B 135 -1.04 16.32 0.41
N ALA B 136 -1.43 15.06 0.60
CA ALA B 136 -2.41 14.38 -0.24
C ALA B 136 -3.80 14.33 0.37
N TYR B 137 -3.95 14.68 1.64
CA TYR B 137 -5.20 14.37 2.34
C TYR B 137 -6.37 15.08 1.69
N ALA B 138 -6.24 16.39 1.46
CA ALA B 138 -7.37 17.14 0.90
C ALA B 138 -7.70 16.68 -0.51
N GLY B 139 -6.70 16.16 -1.24
CA GLY B 139 -6.96 15.69 -2.59
C GLY B 139 -7.86 14.47 -2.63
N ARG B 140 -7.70 13.55 -1.68
CA ARG B 140 -8.60 12.41 -1.62
C ARG B 140 -9.96 12.78 -1.00
N TYR B 141 -9.99 13.72 -0.06
CA TYR B 141 -11.18 13.90 0.77
C TYR B 141 -11.78 15.29 0.79
N GLY B 142 -11.07 16.32 0.32
CA GLY B 142 -11.68 17.63 0.18
C GLY B 142 -11.26 18.65 1.22
N ARG B 143 -11.34 18.29 2.48
CA ARG B 143 -10.84 19.25 3.46
C ARG B 143 -9.48 18.81 3.98
N PRO B 144 -8.62 19.77 4.35
CA PRO B 144 -7.38 19.41 5.07
C PRO B 144 -7.68 18.57 6.31
N PHE B 145 -6.66 17.92 6.85
CA PHE B 145 -6.85 17.00 7.98
C PHE B 145 -7.62 17.63 9.13
N TRP B 146 -7.12 18.72 9.70
CA TRP B 146 -7.74 19.28 10.89
C TRP B 146 -9.14 19.82 10.58
N GLU B 147 -9.29 20.51 9.45
CA GLU B 147 -10.61 20.96 9.02
C GLU B 147 -11.57 19.79 8.90
N ASP B 148 -11.07 18.65 8.42
CA ASP B 148 -11.93 17.48 8.27
C ASP B 148 -12.35 16.92 9.62
N LEU B 149 -11.41 16.83 10.57
CA LEU B 149 -11.75 16.35 11.91
C LEU B 149 -12.78 17.26 12.58
N SER B 150 -12.68 18.57 12.37
CA SER B 150 -13.63 19.49 12.98
C SER B 150 -15.02 19.37 12.38
N ALA B 151 -15.13 19.06 11.08
CA ALA B 151 -16.44 18.98 10.43
C ALA B 151 -17.08 17.61 10.57
N ASP B 152 -16.28 16.57 10.78
CA ASP B 152 -16.72 15.18 10.85
C ASP B 152 -16.51 14.69 12.28
N VAL B 153 -17.60 14.64 13.06
CA VAL B 153 -17.48 14.23 14.46
C VAL B 153 -16.98 12.79 14.56
N ALA B 154 -17.38 11.94 13.61
CA ALA B 154 -16.99 10.53 13.67
C ALA B 154 -15.48 10.37 13.53
N LEU B 155 -14.88 11.08 12.57
CA LEU B 155 -13.43 11.06 12.42
C LEU B 155 -12.75 11.65 13.65
N ALA B 156 -13.31 12.73 14.19
CA ALA B 156 -12.70 13.38 15.36
C ALA B 156 -12.71 12.45 16.56
N ASP B 157 -13.86 11.83 16.83
CA ASP B 157 -13.98 10.86 17.92
C ASP B 157 -12.96 9.74 17.79
N SER B 158 -12.83 9.15 16.59
CA SER B 158 -11.90 8.04 16.43
C SER B 158 -10.45 8.49 16.54
N PHE B 159 -10.10 9.64 15.98
CA PHE B 159 -8.74 10.15 16.17
C PHE B 159 -8.44 10.35 17.64
N ASP B 160 -9.40 10.94 18.37
CA ASP B 160 -9.26 11.13 19.81
C ASP B 160 -8.93 9.80 20.51
N ALA B 161 -9.67 8.75 20.19
CA ALA B 161 -9.50 7.47 20.88
C ALA B 161 -8.16 6.79 20.55
N LEU B 162 -7.65 6.98 19.33
CA LEU B 162 -6.37 6.36 19.00
C LEU B 162 -5.21 7.11 19.67
N MET B 163 -5.25 8.44 19.67
CA MET B 163 -4.17 9.25 20.24
C MET B 163 -4.18 9.25 21.76
N SER B 164 -5.31 8.91 22.39
CA SER B 164 -5.48 9.08 23.84
C SER B 164 -6.06 7.79 24.43
N CYS B 165 -5.25 6.73 24.48
CA CYS B 165 -5.62 5.50 25.15
C CYS B 165 -4.91 5.32 26.49
N ASP B 166 -3.59 5.48 26.50
CA ASP B 166 -2.76 5.10 27.64
C ASP B 166 -1.62 6.08 27.93
CA GLU B 172 0.89 10.67 31.45
C GLU B 172 2.37 11.03 31.62
N ALA B 173 3.08 11.11 30.49
CA ALA B 173 4.54 11.24 30.51
C ALA B 173 5.04 12.46 31.27
N PRO B 174 4.70 13.70 30.88
CA PRO B 174 5.32 14.85 31.56
C PRO B 174 4.90 14.98 33.02
N ALA B 175 3.69 14.52 33.39
CA ALA B 175 3.27 14.61 34.77
C ALA B 175 4.26 13.91 35.70
N ASP B 176 4.84 12.81 35.25
CA ASP B 176 5.73 11.99 36.05
C ASP B 176 7.21 12.30 35.83
N ALA B 177 7.58 12.82 34.66
CA ALA B 177 8.99 13.01 34.32
C ALA B 177 9.59 14.29 34.94
N TYR B 178 8.76 15.28 35.25
CA TYR B 178 9.21 16.64 35.48
C TYR B 178 8.88 17.08 36.91
N ASP B 179 9.71 17.98 37.47
CA ASP B 179 9.57 18.46 38.85
C ASP B 179 8.66 19.67 38.90
N TRP B 180 7.38 19.42 39.18
CA TRP B 180 6.39 20.49 39.18
C TRP B 180 6.41 21.36 40.44
N SER B 181 7.16 20.97 41.48
CA SER B 181 7.19 21.79 42.70
C SER B 181 7.68 23.20 42.43
N ALA B 182 8.58 23.38 41.47
CA ALA B 182 9.10 24.70 41.14
C ALA B 182 8.35 25.37 39.98
N VAL B 183 7.18 24.85 39.60
CA VAL B 183 6.34 25.45 38.57
C VAL B 183 5.09 26.03 39.23
N ARG B 184 4.55 27.10 38.64
CA ARG B 184 3.32 27.68 39.13
C ARG B 184 2.19 27.73 38.10
N HIS B 185 2.49 27.95 36.81
CA HIS B 185 1.48 28.09 35.76
C HIS B 185 1.94 27.40 34.48
N VAL B 186 1.16 26.44 33.99
CA VAL B 186 1.46 25.70 32.78
C VAL B 186 0.48 26.11 31.68
N LEU B 187 1.00 26.51 30.53
CA LEU B 187 0.24 26.80 29.33
C LEU B 187 0.48 25.68 28.33
N ASP B 188 -0.57 24.95 27.97
CA ASP B 188 -0.47 23.81 27.05
C ASP B 188 -0.98 24.25 25.68
N VAL B 189 -0.08 24.39 24.74
CA VAL B 189 -0.39 24.96 23.44
C VAL B 189 -0.73 23.81 22.49
N GLY B 190 -1.97 23.81 22.00
CA GLY B 190 -2.48 22.68 21.27
C GLY B 190 -2.49 21.38 22.06
N GLY B 191 -3.01 21.43 23.30
CA GLY B 191 -2.98 20.28 24.17
C GLY B 191 -4.13 19.28 24.02
N GLY B 192 -4.74 19.21 22.84
CA GLY B 192 -5.82 18.25 22.61
C GLY B 192 -6.96 18.36 23.61
N ASN B 193 -7.48 17.21 24.03
CA ASN B 193 -8.63 17.19 24.93
C ASN B 193 -8.24 17.43 26.39
N GLY B 194 -7.03 17.95 26.63
CA GLY B 194 -6.62 18.32 27.97
C GLY B 194 -6.15 17.18 28.83
N GLY B 195 -6.00 15.96 28.27
CA GLY B 195 -5.58 14.81 29.06
C GLY B 195 -4.24 15.03 29.74
N MET B 196 -3.26 15.50 28.97
CA MET B 196 -1.93 15.76 29.52
C MET B 196 -1.97 16.83 30.61
N LEU B 197 -2.62 17.95 30.32
CA LEU B 197 -2.67 19.03 31.30
C LEU B 197 -3.40 18.60 32.56
N ALA B 198 -4.43 17.75 32.42
CA ALA B 198 -5.15 17.29 33.61
C ALA B 198 -4.26 16.41 34.49
N ALA B 199 -3.52 15.48 33.88
CA ALA B 199 -2.60 14.63 34.63
C ALA B 199 -1.61 15.47 35.44
N ILE B 200 -1.01 16.48 34.80
CA ILE B 200 -0.09 17.37 35.49
C ILE B 200 -0.79 18.08 36.66
N ALA B 201 -1.99 18.62 36.40
CA ALA B 201 -2.66 19.42 37.43
C ALA B 201 -3.14 18.55 38.59
N LEU B 202 -3.63 17.33 38.31
CA LEU B 202 -3.98 16.42 39.41
C LEU B 202 -2.75 16.06 40.23
N ARG B 203 -1.60 15.95 39.56
CA ARG B 203 -0.36 15.54 40.20
C ARG B 203 0.16 16.60 41.18
N ALA B 204 0.06 17.87 40.79
CA ALA B 204 0.62 18.99 41.55
C ALA B 204 -0.53 19.93 41.88
N PRO B 205 -1.14 19.79 43.06
CA PRO B 205 -2.37 20.54 43.35
C PRO B 205 -2.21 22.06 43.36
N HIS B 206 -0.98 22.56 43.44
CA HIS B 206 -0.75 23.99 43.52
C HIS B 206 -0.78 24.67 42.15
N LEU B 207 -0.83 23.90 41.05
CA LEU B 207 -0.61 24.46 39.73
C LEU B 207 -1.85 25.11 39.16
N ARG B 208 -1.64 26.19 38.41
CA ARG B 208 -2.61 26.75 37.49
C ARG B 208 -2.27 26.32 36.07
N GLY B 209 -3.29 26.20 35.23
CA GLY B 209 -3.08 25.78 33.87
C GLY B 209 -4.01 26.46 32.89
N THR B 210 -3.49 26.70 31.68
CA THR B 210 -4.26 27.20 30.57
C THR B 210 -4.03 26.31 29.36
N LEU B 211 -5.12 25.97 28.66
CA LEU B 211 -5.04 25.18 27.44
C LEU B 211 -5.50 26.03 26.26
N VAL B 212 -4.72 26.04 25.20
CA VAL B 212 -5.07 26.75 23.97
C VAL B 212 -5.34 25.70 22.91
N GLU B 213 -6.56 25.70 22.36
CA GLU B 213 -6.90 24.70 21.35
C GLU B 213 -7.96 25.23 20.40
N LEU B 214 -8.11 24.53 19.27
CA LEU B 214 -9.25 24.75 18.40
C LEU B 214 -10.53 24.29 19.07
N ALA B 215 -11.67 24.71 18.51
CA ALA B 215 -12.95 24.61 19.21
C ALA B 215 -13.35 23.16 19.46
N GLY B 216 -13.06 22.27 18.52
CA GLY B 216 -13.36 20.86 18.71
C GLY B 216 -12.74 20.33 19.99
N PRO B 217 -11.41 20.28 20.03
CA PRO B 217 -10.73 19.81 21.24
C PRO B 217 -10.93 20.70 22.46
N ALA B 218 -11.07 22.02 22.26
CA ALA B 218 -11.29 22.92 23.41
C ALA B 218 -12.48 22.50 24.23
N GLU B 219 -13.55 22.01 23.58
CA GLU B 219 -14.74 21.65 24.33
C GLU B 219 -14.55 20.33 25.08
N ARG B 220 -13.92 19.34 24.44
CA ARG B 220 -13.57 18.11 25.14
C ARG B 220 -12.80 18.41 26.42
N ALA B 221 -11.80 19.29 26.31
CA ALA B 221 -10.96 19.64 27.45
C ALA B 221 -11.75 20.41 28.51
N ARG B 222 -12.62 21.33 28.09
CA ARG B 222 -13.53 21.99 29.01
C ARG B 222 -14.30 20.97 29.85
N ARG B 223 -14.87 19.96 29.19
CA ARG B 223 -15.65 18.95 29.90
C ARG B 223 -14.76 18.10 30.82
N ARG B 224 -13.57 17.75 30.34
CA ARG B 224 -12.65 16.95 31.16
C ARG B 224 -12.25 17.69 32.43
N PHE B 225 -11.91 18.97 32.30
CA PHE B 225 -11.48 19.73 33.48
C PHE B 225 -12.63 19.91 34.46
N ALA B 226 -13.85 20.12 33.97
CA ALA B 226 -14.97 20.20 34.88
C ALA B 226 -15.24 18.87 35.56
N ASP B 227 -15.03 17.77 34.85
CA ASP B 227 -15.26 16.46 35.44
C ASP B 227 -14.23 16.12 36.51
N ALA B 228 -12.99 16.55 36.31
CA ALA B 228 -11.93 16.26 37.27
C ALA B 228 -11.89 17.22 38.45
N GLY B 229 -12.86 18.13 38.57
CA GLY B 229 -12.80 19.11 39.65
C GLY B 229 -11.62 20.05 39.53
N LEU B 230 -11.27 20.43 38.30
CA LEU B 230 -10.10 21.25 38.01
C LEU B 230 -10.45 22.65 37.50
N ALA B 231 -11.73 22.92 37.23
CA ALA B 231 -12.11 24.17 36.58
C ALA B 231 -11.72 25.42 37.36
N ASP B 232 -11.49 25.32 38.68
CA ASP B 232 -11.09 26.49 39.44
C ASP B 232 -9.62 26.90 39.23
N ARG B 233 -8.78 26.04 38.66
CA ARG B 233 -7.39 26.41 38.44
C ARG B 233 -6.86 26.05 37.06
N VAL B 234 -7.63 25.35 36.22
CA VAL B 234 -7.21 24.97 34.87
C VAL B 234 -8.28 25.45 33.91
N THR B 235 -7.91 26.35 33.02
CA THR B 235 -8.87 27.02 32.13
C THR B 235 -8.56 26.71 30.67
N VAL B 236 -9.59 26.82 29.84
CA VAL B 236 -9.51 26.61 28.40
C VAL B 236 -9.53 27.97 27.72
N ALA B 237 -8.52 28.24 26.90
CA ALA B 237 -8.41 29.49 26.15
C ALA B 237 -8.46 29.10 24.68
N GLU B 238 -9.68 28.95 24.18
CA GLU B 238 -9.86 28.60 22.77
C GLU B 238 -9.20 29.66 21.88
N GLY B 239 -8.49 29.20 20.87
CA GLY B 239 -7.73 30.14 20.06
C GLY B 239 -6.90 29.43 19.01
N ASP B 240 -5.86 30.13 18.56
CA ASP B 240 -5.10 29.75 17.39
C ASP B 240 -3.63 30.00 17.70
N PHE B 241 -2.81 28.94 17.73
CA PHE B 241 -1.44 29.18 18.17
C PHE B 241 -0.58 29.83 17.08
N PHE B 242 -1.16 30.23 15.96
CA PHE B 242 -0.48 31.13 15.03
C PHE B 242 -0.68 32.60 15.37
N LYS B 243 -1.65 32.92 16.25
CA LYS B 243 -1.79 34.24 16.86
C LYS B 243 -0.99 34.31 18.15
N PRO B 244 -0.68 35.50 18.65
CA PRO B 244 -0.07 35.59 19.99
C PRO B 244 -0.88 34.83 21.02
N LEU B 245 -0.20 34.14 21.92
CA LEU B 245 -0.88 33.38 22.95
C LEU B 245 -1.48 34.34 23.99
N PRO B 246 -2.65 34.02 24.55
CA PRO B 246 -3.38 35.03 25.35
C PRO B 246 -2.81 35.26 26.74
N VAL B 247 -1.98 34.36 27.27
CA VAL B 247 -1.45 34.43 28.63
C VAL B 247 0.05 34.21 28.60
N THR B 248 0.70 34.55 29.73
CA THR B 248 2.07 34.11 29.97
C THR B 248 2.07 33.01 31.01
N ALA B 249 3.17 32.26 31.08
CA ALA B 249 3.30 31.16 32.02
C ALA B 249 4.79 30.84 32.20
N ASP B 250 5.11 30.16 33.29
CA ASP B 250 6.49 29.81 33.52
C ASP B 250 6.85 28.42 32.99
N VAL B 251 5.87 27.65 32.51
CA VAL B 251 6.14 26.45 31.71
C VAL B 251 5.18 26.45 30.52
N VAL B 252 5.72 26.29 29.32
CA VAL B 252 4.92 26.14 28.11
C VAL B 252 5.14 24.74 27.58
N LEU B 253 4.04 24.02 27.31
CA LEU B 253 4.09 22.64 26.83
C LEU B 253 3.67 22.59 25.35
N LEU B 254 4.51 21.97 24.52
CA LEU B 254 4.20 21.67 23.11
C LEU B 254 4.34 20.17 22.92
N SER B 255 3.23 19.43 23.04
CA SER B 255 3.25 17.98 23.03
C SER B 255 2.74 17.49 21.69
N PHE B 256 3.65 16.97 20.87
CA PHE B 256 3.28 16.39 19.59
C PHE B 256 2.48 17.37 18.75
N VAL B 257 3.00 18.60 18.70
CA VAL B 257 2.47 19.66 17.86
C VAL B 257 3.41 19.95 16.69
N LEU B 258 4.70 20.15 16.98
CA LEU B 258 5.64 20.60 15.95
C LEU B 258 5.68 19.63 14.77
N LEU B 259 5.61 18.33 15.03
CA LEU B 259 5.69 17.39 13.91
C LEU B 259 4.51 17.51 12.96
N ASN B 260 3.47 18.26 13.31
CA ASN B 260 2.37 18.47 12.36
C ASN B 260 2.69 19.55 11.34
N TRP B 261 3.81 20.26 11.45
CA TRP B 261 3.99 21.50 10.72
C TRP B 261 5.34 21.57 10.02
N SER B 262 5.35 22.34 8.93
CA SER B 262 6.56 22.70 8.21
C SER B 262 7.51 23.50 9.11
N ASP B 263 8.76 23.62 8.65
CA ASP B 263 9.75 24.35 9.41
C ASP B 263 9.33 25.80 9.62
N GLU B 264 8.73 26.41 8.60
CA GLU B 264 8.32 27.81 8.71
C GLU B 264 7.16 27.97 9.69
N ASP B 265 6.15 27.09 9.61
CA ASP B 265 5.05 27.14 10.56
C ASP B 265 5.53 26.81 11.98
N ALA B 266 6.36 25.76 12.09
CA ALA B 266 6.88 25.38 13.40
C ALA B 266 7.71 26.51 14.02
N LEU B 267 8.44 27.28 13.20
CA LEU B 267 9.15 28.43 13.77
C LEU B 267 8.18 29.49 14.26
N THR B 268 7.05 29.67 13.58
CA THR B 268 6.04 30.63 14.02
C THR B 268 5.47 30.25 15.38
N ILE B 269 5.14 28.96 15.56
CA ILE B 269 4.59 28.47 16.82
C ILE B 269 5.61 28.65 17.93
N LEU B 270 6.87 28.27 17.68
CA LEU B 270 7.89 28.36 18.72
C LEU B 270 8.12 29.80 19.16
N ARG B 271 8.11 30.75 18.21
CA ARG B 271 8.30 32.15 18.56
C ARG B 271 7.14 32.67 19.40
N GLY B 272 5.92 32.21 19.11
CA GLY B 272 4.82 32.54 19.99
C GLY B 272 5.03 32.00 21.38
N CYS B 273 5.48 30.74 21.47
CA CYS B 273 5.72 30.16 22.79
C CYS B 273 6.77 30.95 23.56
N VAL B 274 7.88 31.29 22.88
CA VAL B 274 8.94 32.08 23.52
C VAL B 274 8.39 33.39 24.06
N ARG B 275 7.55 34.06 23.27
CA ARG B 275 6.97 35.32 23.69
C ARG B 275 6.17 35.17 24.98
N ALA B 276 5.51 34.02 25.16
CA ALA B 276 4.68 33.79 26.34
C ALA B 276 5.46 33.27 27.53
N LEU B 277 6.74 32.95 27.37
CA LEU B 277 7.54 32.47 28.49
C LEU B 277 7.83 33.60 29.45
N GLU B 278 7.62 33.34 30.75
CA GLU B 278 7.95 34.28 31.80
C GLU B 278 9.44 34.25 32.08
N PRO B 279 9.95 35.22 32.84
CA PRO B 279 11.35 35.18 33.24
C PRO B 279 11.71 33.85 33.86
N GLY B 280 12.79 33.25 33.35
CA GLY B 280 13.23 31.94 33.82
C GLY B 280 12.30 30.81 33.48
N GLY B 281 11.29 31.05 32.65
CA GLY B 281 10.37 30.00 32.29
C GLY B 281 11.01 28.97 31.36
N ARG B 282 10.33 27.83 31.25
CA ARG B 282 10.84 26.71 30.48
C ARG B 282 9.81 26.27 29.45
N LEU B 283 10.29 25.88 28.28
CA LEU B 283 9.45 25.31 27.24
C LEU B 283 9.74 23.83 27.13
N LEU B 284 8.70 23.01 27.22
CA LEU B 284 8.80 21.56 27.07
C LEU B 284 8.24 21.16 25.72
N VAL B 285 9.08 20.54 24.89
CA VAL B 285 8.67 19.98 23.61
C VAL B 285 8.67 18.46 23.76
N LEU B 286 7.49 17.87 23.68
CA LEU B 286 7.34 16.42 23.64
C LEU B 286 7.16 16.03 22.19
N ASP B 287 8.01 15.13 21.70
CA ASP B 287 8.00 14.74 20.30
C ASP B 287 8.98 13.59 20.11
N ARG B 288 8.91 13.00 18.91
CA ARG B 288 9.91 12.04 18.47
C ARG B 288 11.13 12.82 18.01
N ALA B 289 12.27 12.59 18.65
CA ALA B 289 13.48 13.37 18.39
C ALA B 289 14.67 12.42 18.46
N ASP B 290 14.99 11.81 17.33
CA ASP B 290 15.98 10.73 17.32
C ASP B 290 17.40 11.26 17.60
N VAL B 291 18.15 10.45 18.32
CA VAL B 291 19.56 10.69 18.61
C VAL B 291 20.35 9.49 18.08
N GLU B 292 21.49 9.75 17.44
CA GLU B 292 22.32 8.65 16.95
C GLU B 292 22.73 7.76 18.11
N GLY B 293 22.36 6.49 18.04
CA GLY B 293 22.71 5.53 19.08
C GLY B 293 21.71 5.37 20.19
N ASP B 294 20.59 6.08 20.16
CA ASP B 294 19.51 5.68 21.07
C ASP B 294 18.93 4.37 20.57
N GLY B 295 18.05 3.77 21.36
CA GLY B 295 17.62 2.49 20.83
C GLY B 295 16.49 2.54 19.82
N ALA B 296 16.11 3.72 19.34
CA ALA B 296 14.80 3.92 18.74
C ALA B 296 14.73 3.32 17.35
N ASP B 297 13.66 2.58 17.09
CA ASP B 297 13.48 1.89 15.81
C ASP B 297 13.23 2.92 14.72
N ARG B 298 14.18 3.06 13.80
CA ARG B 298 14.09 4.07 12.76
C ARG B 298 12.98 3.80 11.76
N PHE B 299 12.45 2.57 11.70
CA PHE B 299 11.29 2.33 10.84
C PHE B 299 10.11 3.20 11.28
N PHE B 300 9.83 3.23 12.58
CA PHE B 300 8.70 4.01 13.04
C PHE B 300 8.98 5.50 12.92
N SER B 301 10.24 5.90 13.03
CA SER B 301 10.59 7.28 12.74
C SER B 301 10.14 7.67 11.34
N THR B 302 10.54 6.87 10.32
CA THR B 302 10.23 7.21 8.94
C THR B 302 8.76 6.98 8.62
N LEU B 303 8.13 5.98 9.22
CA LEU B 303 6.70 5.79 8.99
C LEU B 303 5.92 7.01 9.45
N LEU B 304 6.18 7.48 10.67
CA LEU B 304 5.49 8.67 11.15
C LEU B 304 5.84 9.88 10.29
N ASP B 305 7.11 9.98 9.87
CA ASP B 305 7.53 11.13 9.08
C ASP B 305 6.77 11.19 7.75
N LEU B 306 6.57 10.04 7.10
CA LEU B 306 5.84 10.05 5.85
C LEU B 306 4.35 10.27 6.06
N ARG B 307 3.81 9.78 7.16
CA ARG B 307 2.43 10.12 7.51
C ARG B 307 2.26 11.64 7.68
N MET B 308 3.19 12.29 8.40
CA MET B 308 3.04 13.74 8.58
C MET B 308 3.18 14.47 7.26
N LEU B 309 4.09 14.01 6.40
CA LEU B 309 4.24 14.65 5.10
C LEU B 309 2.96 14.49 4.28
N THR B 310 2.43 13.26 4.24
CA THR B 310 1.30 12.96 3.36
C THR B 310 -0.01 13.48 3.93
N PHE B 311 -0.20 13.42 5.25
CA PHE B 311 -1.48 13.86 5.82
C PHE B 311 -1.59 15.38 5.93
N MET B 312 -0.47 16.06 6.24
CA MET B 312 -0.58 17.49 6.47
C MET B 312 0.68 18.29 6.18
N GLY B 313 1.70 17.72 5.52
CA GLY B 313 2.91 18.49 5.25
C GLY B 313 3.77 18.78 6.45
N GLY B 314 3.58 18.07 7.56
CA GLY B 314 4.48 18.17 8.68
C GLY B 314 5.77 17.42 8.43
N ARG B 315 6.53 17.24 9.50
CA ARG B 315 7.79 16.52 9.39
C ARG B 315 8.26 16.10 10.78
N VAL B 316 8.72 14.87 10.87
CA VAL B 316 9.36 14.39 12.08
C VAL B 316 10.81 14.86 12.06
N ARG B 317 11.23 15.52 13.14
CA ARG B 317 12.55 16.12 13.24
C ARG B 317 13.38 15.34 14.25
N THR B 318 14.68 15.22 13.99
CA THR B 318 15.58 14.61 14.96
C THR B 318 15.84 15.58 16.12
N ARG B 319 16.48 15.07 17.16
CA ARG B 319 16.89 15.92 18.28
C ARG B 319 17.66 17.13 17.77
N ASP B 320 18.68 16.89 16.94
CA ASP B 320 19.52 17.99 16.46
C ASP B 320 18.71 18.99 15.63
N GLU B 321 17.73 18.52 14.84
CA GLU B 321 16.93 19.44 14.04
C GLU B 321 16.00 20.28 14.92
N VAL B 322 15.41 19.70 15.97
CA VAL B 322 14.57 20.49 16.87
C VAL B 322 15.39 21.56 17.56
N VAL B 323 16.53 21.16 18.11
CA VAL B 323 17.45 22.08 18.78
C VAL B 323 17.85 23.21 17.84
N ASP B 324 18.10 22.90 16.58
CA ASP B 324 18.51 23.94 15.63
C ASP B 324 17.36 24.88 15.33
N LEU B 325 16.14 24.35 15.21
CA LEU B 325 14.98 25.19 14.98
C LEU B 325 14.63 26.02 16.22
N ALA B 326 14.76 25.42 17.40
CA ALA B 326 14.51 26.18 18.62
C ALA B 326 15.53 27.29 18.79
N GLY B 327 16.77 27.05 18.37
CA GLY B 327 17.77 28.11 18.41
C GLY B 327 17.41 29.28 17.53
N SER B 328 16.83 29.00 16.36
CA SER B 328 16.31 30.06 15.50
C SER B 328 15.24 30.88 16.20
N ALA B 329 14.53 30.30 17.17
CA ALA B 329 13.49 30.99 17.93
C ALA B 329 13.99 31.62 19.21
N GLY B 330 15.29 31.59 19.49
CA GLY B 330 15.78 32.15 20.74
C GLY B 330 15.72 31.24 21.95
N LEU B 331 15.79 29.92 21.75
CA LEU B 331 15.78 28.97 22.85
C LEU B 331 17.06 28.16 22.86
N ALA B 332 17.58 27.90 24.07
CA ALA B 332 18.72 27.02 24.28
C ALA B 332 18.28 25.77 25.04
N LEU B 333 18.78 24.61 24.62
CA LEU B 333 18.40 23.35 25.26
C LEU B 333 18.95 23.29 26.67
N ALA B 334 18.07 22.99 27.63
CA ALA B 334 18.44 22.87 29.04
C ALA B 334 18.56 21.43 29.50
N SER B 335 17.70 20.54 29.01
CA SER B 335 17.69 19.15 29.47
C SER B 335 16.88 18.31 28.48
N GLU B 336 17.02 16.99 28.61
CA GLU B 336 16.38 16.06 27.69
C GLU B 336 16.10 14.75 28.40
N ARG B 337 14.88 14.24 28.21
CA ARG B 337 14.40 13.02 28.85
C ARG B 337 13.69 12.18 27.80
N THR B 338 13.59 10.88 28.08
CA THR B 338 12.91 9.98 27.16
C THR B 338 11.79 9.26 27.89
N SER B 339 10.77 8.89 27.12
CA SER B 339 9.64 8.12 27.60
C SER B 339 9.16 7.28 26.41
N GLY B 340 7.90 6.86 26.43
CA GLY B 340 7.36 6.16 25.28
C GLY B 340 6.02 5.53 25.56
N SER B 341 5.43 4.99 24.50
CA SER B 341 4.14 4.33 24.61
C SER B 341 4.24 3.11 25.51
N THR B 342 3.13 2.78 26.15
CA THR B 342 3.02 1.60 26.99
C THR B 342 2.28 0.46 26.30
N THR B 343 1.76 0.68 25.09
CA THR B 343 1.09 -0.37 24.32
C THR B 343 1.61 -0.50 22.89
N LEU B 344 2.45 0.41 22.43
CA LEU B 344 2.99 0.41 21.09
C LEU B 344 4.49 0.52 21.15
N PRO B 345 5.20 0.04 20.13
CA PRO B 345 6.68 0.21 20.11
C PRO B 345 7.09 1.61 19.65
N PHE B 346 7.02 2.58 20.56
CA PHE B 346 7.25 3.97 20.18
C PHE B 346 7.80 4.75 21.38
N ASP B 347 9.09 5.04 21.34
CA ASP B 347 9.72 5.88 22.34
C ASP B 347 9.80 7.32 21.84
N PHE B 348 9.70 8.27 22.76
CA PHE B 348 9.76 9.68 22.41
C PHE B 348 10.54 10.43 23.48
N SER B 349 10.68 11.74 23.30
CA SER B 349 11.54 12.55 24.15
C SER B 349 10.79 13.76 24.67
N ILE B 350 11.29 14.29 25.79
CA ILE B 350 10.88 15.60 26.28
C ILE B 350 12.11 16.49 26.32
N LEU B 351 12.08 17.54 25.52
CA LEU B 351 13.19 18.48 25.40
C LEU B 351 12.81 19.77 26.11
N GLU B 352 13.68 20.22 27.01
CA GLU B 352 13.43 21.38 27.85
C GLU B 352 14.32 22.54 27.39
N PHE B 353 13.71 23.68 27.10
CA PHE B 353 14.40 24.84 26.56
C PHE B 353 14.21 26.05 27.47
N THR B 354 15.22 26.91 27.49
CA THR B 354 15.16 28.22 28.11
C THR B 354 15.40 29.29 27.06
N ALA B 355 14.90 30.50 27.36
CA ALA B 355 15.14 31.64 26.50
C ALA B 355 16.60 32.10 26.61
N VAL B 356 17.19 32.48 25.47
CA VAL B 356 18.60 32.84 25.46
C VAL B 356 18.81 34.21 26.11
N SER B 357 17.92 35.16 25.86
CA SER B 357 17.93 36.41 26.62
C SER B 357 16.54 37.01 26.71
N SAH C . -2.56 -14.53 -24.02
CA SAH C . -1.86 -13.43 -23.39
CB SAH C . -2.71 -12.88 -22.24
CG SAH C . -2.71 -11.39 -22.35
SD SAH C . -3.86 -10.85 -21.05
C SAH C . -0.49 -13.84 -22.84
O SAH C . 0.48 -13.04 -22.91
OXT SAH C . -0.34 -14.98 -22.32
C5' SAH C . -5.59 -11.04 -21.61
C4' SAH C . -5.82 -10.54 -23.07
O4' SAH C . -7.12 -10.52 -23.31
C3' SAH C . -5.27 -9.12 -23.32
O3' SAH C . -4.27 -9.10 -24.26
C2' SAH C . -6.53 -8.39 -23.83
O2' SAH C . -6.24 -7.48 -24.96
C1' SAH C . -7.36 -9.57 -24.34
N9 SAH C . -8.77 -9.25 -24.42
C8 SAH C . -9.52 -8.69 -23.47
N7 SAH C . -10.76 -8.59 -23.95
C5 SAH C . -10.79 -9.08 -25.18
C6 SAH C . -11.81 -9.20 -26.10
N6 SAH C . -13.19 -8.81 -25.94
N1 SAH C . -11.57 -9.74 -27.30
C2 SAH C . -10.33 -10.15 -27.61
N3 SAH C . -9.32 -10.03 -26.70
C4 SAH C . -9.55 -9.49 -25.49
O01 A1L3V D . -1.94 -8.02 -11.99
C02 A1L3V D . -2.10 -8.71 -12.89
C03 A1L3V D . -1.27 -9.94 -13.07
C04 A1L3V D . -1.44 -10.73 -14.13
C05 A1L3V D . -0.67 -11.88 -14.32
O06 A1L3V D . -0.85 -12.68 -15.42
C07 A1L3V D . 0.30 -12.19 -13.39
C08 A1L3V D . 1.13 -13.44 -13.61
O09 A1L3V D . 1.98 -13.31 -14.77
C10 A1L3V D . 1.92 -14.40 -15.62
O11 A1L3V D . 3.25 -14.74 -16.21
C12 A1L3V D . 3.67 -13.79 -17.22
C13 A1L3V D . 4.87 -14.36 -17.90
C14 A1L3V D . 2.59 -13.36 -18.24
O15 A1L3V D . 2.95 -13.40 -19.66
C16 A1L3V D . 1.28 -14.06 -18.11
N17 A1L3V D . 1.28 -15.30 -19.00
C18 A1L3V D . 0.87 -14.30 -16.71
C19 A1L3V D . 1.84 -13.84 -12.34
C20 A1L3V D . 2.38 -12.73 -11.47
C21 A1L3V D . 2.82 -13.24 -10.10
C22 A1L3V D . 1.63 -13.21 -9.15
O23 A1L3V D . 3.46 -12.19 -12.15
C24 A1L3V D . 1.45 -11.55 -11.18
C25 A1L3V D . 0.45 -11.37 -12.32
C26 A1L3V D . -0.32 -10.24 -12.13
O27 A1L3V D . -0.14 -9.43 -11.05
C28 A1L3V D . -2.48 -10.41 -15.15
C29 A1L3V D . -3.33 -9.17 -14.98
C30 A1L3V D . -4.31 -8.83 -15.90
O31 A1L3V D . -4.51 -9.62 -16.98
C32 A1L3V D . -5.30 -9.08 -17.97
C33 A1L3V D . -5.08 -7.71 -15.74
C34 A1L3V D . -4.86 -6.90 -14.64
C35 A1L3V D . -3.91 -7.24 -13.72
C36 A1L3V D . -3.15 -8.38 -13.91
O37 A1L3V D . -2.57 -11.14 -16.03
N SAH E . -1.12 17.90 22.81
CA SAH E . -1.85 16.78 22.24
CB SAH E . -1.59 16.67 20.75
CG SAH E . -2.90 16.90 20.02
SD SAH E . -2.48 16.77 18.27
C SAH E . -1.45 15.45 22.88
O SAH E . -2.32 14.55 23.01
OXT SAH E . -0.25 15.27 23.24
C5' SAH E . -2.21 18.41 17.56
C4' SAH E . -3.28 19.43 18.06
O4' SAH E . -3.08 20.58 17.47
C3' SAH E . -4.74 19.01 17.77
O3' SAH E . -5.40 18.84 18.94
C2' SAH E . -5.30 20.23 17.01
O2' SAH E . -6.64 20.64 17.51
C1' SAH E . -4.30 21.28 17.47
N9 SAH E . -4.22 22.36 16.53
C8 SAH E . -4.08 22.28 15.20
N7 SAH E . -4.05 23.52 14.72
C5 SAH E . -4.17 24.37 15.75
C6 SAH E . -4.18 25.74 15.81
N6 SAH E . -4.07 26.66 14.70
N1 SAH E . -4.30 26.37 16.97
C2 SAH E . -4.41 25.65 18.12
N3 SAH E . -4.40 24.31 18.07
C4 SAH E . -4.27 23.66 16.88
O01 A1L3V F . -1.33 8.79 12.20
C02 A1L3V F . -0.88 9.45 13.06
C03 A1L3V F . 0.06 8.84 14.09
C04 A1L3V F . 0.57 9.61 15.10
C05 A1L3V F . 1.44 9.04 16.06
O06 A1L3V F . 1.96 9.83 17.08
C07 A1L3V F . 1.76 7.66 15.98
C08 A1L3V F . 2.69 6.98 16.96
O09 A1L3V F . 1.94 6.14 17.80
C10 A1L3V F . 1.65 6.67 19.02
O11 A1L3V F . 0.26 7.19 19.02
C12 A1L3V F . -0.14 7.36 20.40
C13 A1L3V F . -0.29 5.98 21.01
C14 A1L3V F . 0.89 8.16 21.18
O15 A1L3V F . 1.56 7.35 22.15
C16 A1L3V F . 1.93 8.76 20.28
N17 A1L3V F . 2.98 9.41 21.17
C18 A1L3V F . 2.60 7.79 19.42
C19 A1L3V F . 3.62 6.11 16.19
C20 A1L3V F . 2.94 4.97 15.45
C21 A1L3V F . 3.88 4.44 14.37
C22 A1L3V F . 4.78 5.52 13.75
O23 A1L3V F . 2.71 3.94 16.36
C24 A1L3V F . 1.56 5.38 14.81
C25 A1L3V F . 1.24 6.90 14.96
C26 A1L3V F . 0.37 7.47 14.00
O27 A1L3V F . -0.16 6.70 12.97
C28 A1L3V F . 0.22 11.10 15.20
C29 A1L3V F . -0.73 11.73 14.16
C30 A1L3V F . -1.07 13.09 14.20
O31 A1L3V F . -0.57 13.92 15.19
C32 A1L3V F . -1.46 14.89 15.60
C33 A1L3V F . -1.93 13.62 13.26
C34 A1L3V F . -2.44 12.82 12.24
C35 A1L3V F . -2.10 11.48 12.18
C36 A1L3V F . -1.25 10.93 13.15
O37 A1L3V F . 0.69 11.73 16.08
#